data_9PXB
#
_entry.id   9PXB
#
_cell.length_a   1.00
_cell.length_b   1.00
_cell.length_c   1.00
_cell.angle_alpha   90.00
_cell.angle_beta   90.00
_cell.angle_gamma   90.00
#
_symmetry.space_group_name_H-M   'P 1'
#
loop_
_entity.id
_entity.type
_entity.pdbx_description
1 polymer 'Sterol regulatory element-binding protein cleavage-activating protein'
2 polymer 'Insulin-induced gene protein'
3 polymer 'Fab4G10 heavy chain'
4 polymer 'Fab4G10 light chain'
5 branched 2-acetamido-2-deoxy-beta-D-glucopyranose-(1-4)-2-acetamido-2-deoxy-beta-D-glucopyranose
6 non-polymer CHOLESTEROL
#
loop_
_entity_poly.entity_id
_entity_poly.type
_entity_poly.pdbx_seq_one_letter_code
_entity_poly.pdbx_strand_id
1 'polypeptide(L)'
;MDYKDDDDKGSDYKDDDDKGSDYKDDDDKENLYFQGTGHHHHHHHHTLTERLREKISQAFYNHGLLCASYPIPIILFTGL
CILACCYPLLKLPLPGTGPVEFSTPVKDYSPPPVDSDHKQGEPSEQPEWYVGAPVAYIQQIFVKSSVSPWHKNLLAVDVF
RLPLSRAFQLVEEIRNHALRDSSGVKSLEEVCLQVTDLLPGLRKLRNLLPEHGCLLLSPGNFWQNDWERFHADPDIIGTI
HQHEPKTLQTSATLKDLLFGVPGKYSGVSLYTRKRTVSYTITLVFQRYDSRFLSSLRSRLKLLHPSPNCSLRAENLVHVH
FKEEIGIAELIPLVTTYIILFAYIYFSTRKIDMVKSKWGLALAAVVTVLSSLLMSVGLCTLFGLTPTLNGGEIFPYLVVV
IGLENVLVLTKSVVSTPVDLEVKLRIAQGLSSESWSIMKNVATELGIILIGYFTLVPAIQEFCLFAVVGLVSDFFLQMFF
FTTVLSIDIRRMELADLNKRLPPESCLPSAKPVGRPARYERQLAVRPAMPHTITLQPSSFRNLRLPKRLRVIYFLARTRL
AQRLIMAGTVVWIGILVYTDPAGLRTYLAAQVTEQSPLGEGSLGPMPVPSGVLPASRPDPAFSIFPPDAPKLPENQTVPG
ELPEHAAPAEGVHDSRAPEVTWGPEDEELWRRLSFRHWPTLFNYYNITLAKRYISLLPVIPVTLRLNPQEALEGRQPQDG
RSAWAPPESLPAGLWEAGPKGPGGTQAHGDITLYKVAALGLAAGIVLVLLLLCLYRVLCPRNYGQPGGGAGRRRRGE
;
A
2 'polypeptide(L)'
;MAEGKTESPGPKRRGPYISSVTSQSVNVVIRGVVLFFIGVFLALVLNLLQIQRNVTLFPPDVVTSIFSSAWWVPPCCGTA
SAVIGLLYPCIDRHLGEPHKFKREWSSVMRCVAVFVGINHASAKVDFDNNFQFSLTLAALSVGLWWTFDRSRSGFGLGVG
IAFLATVVTQLLVYNGVYQYTSPDFLYVRSWLPCIFFAGGITMGNIGRQLAMYECKVIPEKSHQE
;
C
3 'polypeptide(L)'
;TGVHSEVQLQQSGAELVRPGASVKLSCTASGFKIKDDYIHWVKQRPEQGLEWIGRIDPANGHTRYAPKFQDKATITADTS
SNTAYLQLSSLTSEDTAVYYCTRYNDYDAFYFDYWGQGTTLTVSSASTKGPSVFPLAPSSKSTSGGTAALGCLVKDYFPE
PVTVSWNSGALTSGVHTFPAVLQSSGLYSLSSVVTVPSSSLGTQTYICNVNHKPSNTKVDKRVEPKSCDKTGSGATNFSL
LKQAGDVEENPG
;
H
4 'polypeptide(L)'
;TGVHSDIQMTQTTSSLSASLGDRVTISCRASQDIRNYLNWYQQKPDGTVKLLIYYTSRLHSGVPSRFSGSGSGTDYSLTI
SNLEQEDIATYFCQQTNTLPWTFGGGTKLEIKRTVAAPSVFIFPPSDEQLKSGTASVVCLLNNFYPREAKVQWKVDNALQ
SGNSQESVTEQDSKDSTYSLSSTLTLSKADYEKHKVYACEVTHQGLSSPVTKSFNRGECHHHHHHHHHH
;
L
#
loop_
_chem_comp.id
_chem_comp.type
_chem_comp.name
_chem_comp.formula
CLR non-polymer CHOLESTEROL 'C27 H46 O'
NAG D-saccharide, beta linking 2-acetamido-2-deoxy-beta-D-glucopyranose 'C8 H15 N O6'
#
# COMPACT_ATOMS: atom_id res chain seq x y z
N THR A 47 -6.59 -67.75 -10.17
CA THR A 47 -7.03 -66.57 -10.91
C THR A 47 -5.83 -65.72 -11.34
N LEU A 48 -6.11 -64.51 -11.81
CA LEU A 48 -5.06 -63.63 -12.29
C LEU A 48 -4.31 -62.92 -11.18
N THR A 49 -4.84 -62.92 -9.95
CA THR A 49 -4.20 -62.19 -8.87
C THR A 49 -2.84 -62.78 -8.52
N GLU A 50 -2.77 -64.10 -8.36
CA GLU A 50 -1.49 -64.73 -8.02
C GLU A 50 -0.50 -64.61 -9.17
N ARG A 51 -0.98 -64.69 -10.42
CA ARG A 51 -0.09 -64.53 -11.56
C ARG A 51 0.50 -63.12 -11.60
N LEU A 52 -0.33 -62.10 -11.37
CA LEU A 52 0.16 -60.73 -11.34
C LEU A 52 1.13 -60.51 -10.20
N ARG A 53 0.83 -61.09 -9.03
CA ARG A 53 1.74 -60.98 -7.90
C ARG A 53 3.08 -61.61 -8.22
N GLU A 54 3.08 -62.79 -8.84
CA GLU A 54 4.33 -63.45 -9.22
C GLU A 54 5.10 -62.61 -10.23
N LYS A 55 4.40 -62.05 -11.22
CA LYS A 55 5.08 -61.24 -12.23
C LYS A 55 5.73 -60.00 -11.62
N ILE A 56 4.99 -59.29 -10.76
CA ILE A 56 5.53 -58.07 -10.18
C ILE A 56 6.66 -58.39 -9.21
N SER A 57 6.55 -59.49 -8.46
CA SER A 57 7.64 -59.89 -7.58
C SER A 57 8.88 -60.26 -8.36
N GLN A 58 8.71 -60.96 -9.49
CA GLN A 58 9.84 -61.31 -10.33
C GLN A 58 10.51 -60.05 -10.89
N ALA A 59 9.71 -59.09 -11.34
CA ALA A 59 10.28 -57.84 -11.85
C ALA A 59 11.03 -57.09 -10.74
N PHE A 60 10.46 -57.06 -9.54
CA PHE A 60 11.09 -56.38 -8.41
C PHE A 60 12.42 -57.02 -8.08
N TYR A 61 12.45 -58.36 -7.99
CA TYR A 61 13.69 -59.08 -7.74
C TYR A 61 14.71 -58.83 -8.83
N ASN A 62 14.27 -58.83 -10.09
CA ASN A 62 15.19 -58.65 -11.21
C ASN A 62 15.83 -57.27 -11.18
N HIS A 63 15.03 -56.23 -10.91
CA HIS A 63 15.61 -54.88 -10.94
C HIS A 63 16.32 -54.51 -9.64
N GLY A 64 16.10 -55.27 -8.56
CA GLY A 64 16.86 -55.00 -7.35
C GLY A 64 18.35 -55.21 -7.54
N LEU A 65 18.72 -56.27 -8.25
CA LEU A 65 20.13 -56.51 -8.54
C LEU A 65 20.73 -55.37 -9.35
N LEU A 66 19.99 -54.89 -10.35
CA LEU A 66 20.46 -53.75 -11.13
C LEU A 66 20.62 -52.51 -10.25
N CYS A 67 19.66 -52.27 -9.35
CA CYS A 67 19.75 -51.11 -8.46
C CYS A 67 20.99 -51.20 -7.58
N ALA A 68 21.27 -52.39 -7.04
CA ALA A 68 22.45 -52.55 -6.20
C ALA A 68 23.74 -52.60 -6.99
N SER A 69 23.67 -52.86 -8.30
CA SER A 69 24.87 -53.01 -9.11
C SER A 69 25.62 -51.71 -9.35
N TYR A 70 24.92 -50.57 -9.38
CA TYR A 70 25.53 -49.28 -9.68
C TYR A 70 25.31 -48.34 -8.50
N PRO A 71 26.21 -48.35 -7.53
CA PRO A 71 26.07 -47.44 -6.37
C PRO A 71 26.24 -45.98 -6.75
N ILE A 72 27.31 -45.67 -7.48
CA ILE A 72 27.62 -44.30 -7.88
C ILE A 72 26.81 -43.84 -9.08
N PRO A 73 26.69 -44.62 -10.17
CA PRO A 73 25.97 -44.11 -11.34
C PRO A 73 24.51 -43.74 -11.06
N ILE A 74 23.80 -44.54 -10.25
CA ILE A 74 22.39 -44.27 -10.03
C ILE A 74 22.21 -43.03 -9.15
N ILE A 75 23.04 -42.86 -8.12
CA ILE A 75 22.94 -41.66 -7.30
C ILE A 75 23.33 -40.43 -8.10
N LEU A 76 24.30 -40.57 -9.02
CA LEU A 76 24.63 -39.45 -9.90
C LEU A 76 23.45 -39.11 -10.81
N PHE A 77 22.77 -40.14 -11.32
CA PHE A 77 21.57 -39.91 -12.13
C PHE A 77 20.51 -39.17 -11.34
N THR A 78 20.28 -39.59 -10.09
CA THR A 78 19.28 -38.91 -9.26
C THR A 78 19.67 -37.47 -8.99
N GLY A 79 20.94 -37.23 -8.68
CA GLY A 79 21.38 -35.86 -8.43
C GLY A 79 21.23 -34.97 -9.64
N LEU A 80 21.56 -35.51 -10.82
CA LEU A 80 21.39 -34.73 -12.04
C LEU A 80 19.92 -34.46 -12.34
N CYS A 81 19.07 -35.48 -12.18
CA CYS A 81 17.66 -35.32 -12.54
C CYS A 81 16.93 -34.40 -11.58
N ILE A 82 17.30 -34.41 -10.29
CA ILE A 82 16.67 -33.52 -9.32
C ILE A 82 16.79 -32.07 -9.78
N LEU A 83 18.00 -31.68 -10.20
CA LEU A 83 18.19 -30.33 -10.72
C LEU A 83 17.49 -30.16 -12.06
N ALA A 84 17.70 -31.10 -13.00
CA ALA A 84 17.27 -30.90 -14.37
C ALA A 84 15.75 -30.77 -14.48
N CYS A 85 15.01 -31.47 -13.63
CA CYS A 85 13.56 -31.47 -13.76
C CYS A 85 12.95 -30.15 -13.30
N CYS A 86 13.49 -29.55 -12.25
CA CYS A 86 12.77 -28.45 -11.62
C CYS A 86 13.58 -27.18 -11.43
N TYR A 87 14.88 -27.30 -11.13
CA TYR A 87 15.65 -26.14 -10.70
C TYR A 87 15.71 -24.99 -11.70
N PRO A 88 15.93 -25.20 -13.01
CA PRO A 88 16.09 -24.05 -13.91
C PRO A 88 14.90 -23.10 -13.91
N LEU A 89 13.68 -23.59 -13.73
CA LEU A 89 12.50 -22.74 -13.70
C LEU A 89 12.21 -22.21 -12.29
N LEU A 90 12.98 -22.61 -11.29
CA LEU A 90 12.81 -22.08 -9.93
C LEU A 90 13.30 -20.64 -9.81
N LYS A 91 14.07 -20.15 -10.78
CA LYS A 91 14.49 -18.75 -10.75
C LYS A 91 13.34 -17.80 -11.02
N LEU A 92 12.36 -18.24 -11.81
CA LEU A 92 11.24 -17.37 -12.17
C LEU A 92 10.42 -16.89 -10.97
N PRO A 93 10.02 -17.75 -10.02
CA PRO A 93 9.22 -17.25 -8.89
C PRO A 93 9.96 -16.20 -8.07
N LEU A 94 9.19 -15.26 -7.55
CA LEU A 94 9.78 -14.17 -6.77
C LEU A 94 10.25 -14.68 -5.42
N PRO A 95 11.49 -14.40 -5.01
CA PRO A 95 11.95 -14.84 -3.69
C PRO A 95 11.17 -14.24 -2.53
N GLY A 96 10.50 -13.10 -2.74
CA GLY A 96 9.72 -12.48 -1.69
C GLY A 96 9.90 -10.98 -1.60
N THR A 97 11.09 -10.49 -1.93
CA THR A 97 11.34 -9.06 -1.91
C THR A 97 10.68 -8.37 -3.10
N GLY A 98 10.34 -7.10 -2.92
CA GLY A 98 9.71 -6.32 -3.96
C GLY A 98 9.70 -4.85 -3.65
N PRO A 99 9.48 -4.02 -4.67
CA PRO A 99 9.46 -2.57 -4.44
C PRO A 99 8.22 -2.13 -3.70
N VAL A 100 8.40 -1.25 -2.72
CA VAL A 100 7.29 -0.70 -1.97
C VAL A 100 7.07 0.78 -2.28
N GLU A 101 8.08 1.50 -2.75
CA GLU A 101 7.97 2.90 -3.12
C GLU A 101 8.22 3.04 -4.62
N PHE A 102 7.32 3.74 -5.30
CA PHE A 102 7.43 3.97 -6.73
C PHE A 102 7.39 5.47 -7.00
N SER A 103 8.34 5.94 -7.81
CA SER A 103 8.47 7.36 -8.12
C SER A 103 7.97 7.62 -9.53
N THR A 104 7.11 8.62 -9.68
CA THR A 104 6.56 9.00 -10.97
C THR A 104 6.81 10.48 -11.21
N PRO A 105 7.35 10.86 -12.37
CA PRO A 105 7.59 12.28 -12.64
C PRO A 105 6.31 13.09 -12.65
N VAL A 106 6.40 14.33 -12.18
CA VAL A 106 5.25 15.24 -12.16
C VAL A 106 5.02 15.91 -13.51
N LYS A 107 5.88 15.67 -14.50
CA LYS A 107 5.75 16.34 -15.79
C LYS A 107 4.43 15.99 -16.46
N ASP A 108 4.05 14.72 -16.41
CA ASP A 108 2.76 14.26 -16.95
C ASP A 108 2.34 13.04 -16.16
N TYR A 109 1.25 13.16 -15.41
CA TYR A 109 0.77 12.09 -14.54
C TYR A 109 -0.67 11.76 -14.87
N SER A 110 -0.95 10.47 -14.98
CA SER A 110 -2.30 9.94 -15.12
C SER A 110 -2.41 8.69 -14.27
N PRO A 111 -3.58 8.41 -13.71
CA PRO A 111 -3.75 7.19 -12.90
C PRO A 111 -3.49 5.95 -13.73
N PRO A 112 -2.86 4.93 -13.15
CA PRO A 112 -2.54 3.73 -13.93
C PRO A 112 -3.79 3.00 -14.34
N PRO A 113 -3.78 2.31 -15.48
CA PRO A 113 -4.93 1.50 -15.86
C PRO A 113 -5.16 0.35 -14.88
N VAL A 114 -6.42 0.00 -14.69
CA VAL A 114 -6.77 -1.02 -13.71
C VAL A 114 -6.85 -2.42 -14.34
N ASP A 115 -7.45 -2.56 -15.52
CA ASP A 115 -7.59 -3.86 -16.15
C ASP A 115 -7.40 -3.79 -17.66
N SER A 116 -6.56 -2.88 -18.13
CA SER A 116 -6.36 -2.72 -19.57
C SER A 116 -5.73 -3.96 -20.19
N ASP A 117 -4.89 -4.67 -19.46
CA ASP A 117 -4.22 -5.86 -19.95
C ASP A 117 -4.61 -7.08 -19.12
N HIS A 118 -4.92 -8.18 -19.80
CA HIS A 118 -5.22 -9.42 -19.10
C HIS A 118 -4.01 -9.92 -18.32
N LYS A 119 -2.83 -9.83 -18.92
CA LYS A 119 -1.58 -10.21 -18.28
C LYS A 119 -0.62 -9.02 -18.33
N GLN A 120 -0.04 -8.69 -17.18
CA GLN A 120 0.88 -7.56 -17.11
C GLN A 120 2.19 -7.91 -17.84
N GLY A 121 2.78 -6.90 -18.48
CA GLY A 121 4.03 -7.12 -19.19
C GLY A 121 5.16 -7.48 -18.24
N GLU A 122 6.02 -8.38 -18.71
CA GLU A 122 7.14 -8.87 -17.92
C GLU A 122 8.16 -7.78 -17.59
N PRO A 123 8.67 -7.01 -18.58
CA PRO A 123 9.72 -6.04 -18.24
C PRO A 123 9.18 -4.72 -17.71
N SER A 124 7.87 -4.64 -17.50
CA SER A 124 7.26 -3.41 -17.02
C SER A 124 7.75 -3.08 -15.62
N GLU A 125 8.13 -1.81 -15.41
CA GLU A 125 8.63 -1.36 -14.13
C GLU A 125 7.53 -1.19 -13.09
N GLN A 126 6.29 -1.04 -13.51
CA GLN A 126 5.20 -0.79 -12.58
C GLN A 126 5.00 -2.00 -11.66
N PRO A 127 5.03 -1.81 -10.35
CA PRO A 127 4.84 -2.93 -9.43
C PRO A 127 3.42 -3.49 -9.53
N GLU A 128 3.26 -4.68 -8.95
CA GLU A 128 1.98 -5.39 -9.03
C GLU A 128 0.87 -4.63 -8.31
N TRP A 129 1.21 -3.84 -7.30
CA TRP A 129 0.20 -3.05 -6.59
C TRP A 129 -0.10 -1.73 -7.28
N TYR A 130 0.82 -1.20 -8.07
CA TYR A 130 0.64 0.07 -8.78
C TYR A 130 -0.25 -0.18 -10.00
N VAL A 131 -1.53 -0.43 -9.73
CA VAL A 131 -2.49 -0.77 -10.77
C VAL A 131 -3.66 0.20 -10.74
N GLY A 132 -4.38 0.24 -9.63
CA GLY A 132 -5.57 1.07 -9.52
C GLY A 132 -5.25 2.51 -9.14
N ALA A 133 -6.33 3.26 -8.93
CA ALA A 133 -6.18 4.63 -8.48
C ALA A 133 -5.74 4.66 -7.01
N PRO A 134 -4.95 5.65 -6.63
CA PRO A 134 -4.53 5.76 -5.22
C PRO A 134 -5.72 6.13 -4.33
N VAL A 135 -5.58 5.79 -3.05
CA VAL A 135 -6.61 6.14 -2.08
C VAL A 135 -6.79 7.65 -2.01
N ALA A 136 -5.67 8.37 -1.93
CA ALA A 136 -5.70 9.82 -1.85
C ALA A 136 -4.33 10.37 -2.18
N TYR A 137 -4.30 11.64 -2.58
CA TYR A 137 -3.06 12.37 -2.80
C TYR A 137 -2.82 13.29 -1.63
N ILE A 138 -1.62 13.21 -1.05
CA ILE A 138 -1.28 13.95 0.16
C ILE A 138 -0.36 15.11 -0.22
N GLN A 139 -0.76 16.32 0.15
CA GLN A 139 0.02 17.53 -0.11
C GLN A 139 0.48 18.10 1.22
N GLN A 140 1.80 18.21 1.39
CA GLN A 140 2.39 18.78 2.59
C GLN A 140 2.80 20.22 2.33
N ILE A 141 2.55 21.08 3.30
CA ILE A 141 2.95 22.49 3.22
C ILE A 141 3.83 22.76 4.41
N PHE A 142 5.14 22.61 4.23
CA PHE A 142 6.10 22.78 5.31
C PHE A 142 6.27 24.27 5.62
N VAL A 143 5.90 24.67 6.82
CA VAL A 143 5.96 26.08 7.20
C VAL A 143 7.11 26.29 8.17
N LYS A 144 8.27 26.64 7.63
CA LYS A 144 9.41 27.02 8.47
C LYS A 144 9.34 28.51 8.77
N SER A 145 10.02 28.91 9.84
CA SER A 145 9.94 30.30 10.28
C SER A 145 11.22 30.68 11.01
N SER A 146 11.40 31.98 11.18
CA SER A 146 12.54 32.53 11.88
C SER A 146 12.16 33.89 12.44
N VAL A 147 13.00 34.41 13.32
CA VAL A 147 12.74 35.68 13.98
C VAL A 147 13.90 36.62 13.73
N SER A 148 13.60 37.92 13.83
CA SER A 148 14.62 38.96 13.82
C SER A 148 15.49 38.79 15.07
N PRO A 149 16.63 39.54 15.18
CA PRO A 149 17.60 39.28 16.25
C PRO A 149 17.01 38.92 17.62
N TRP A 150 17.39 37.75 18.11
CA TRP A 150 16.87 37.23 19.36
C TRP A 150 17.32 38.08 20.53
N HIS A 151 16.44 38.19 21.54
CA HIS A 151 16.75 38.90 22.76
C HIS A 151 16.20 38.11 23.94
N LYS A 152 16.71 38.44 25.13
CA LYS A 152 16.46 37.62 26.31
C LYS A 152 15.00 37.64 26.76
N ASN A 153 14.23 38.66 26.37
CA ASN A 153 12.86 38.77 26.87
C ASN A 153 11.91 37.74 26.27
N LEU A 154 12.32 37.03 25.22
CA LEU A 154 11.48 36.00 24.64
C LEU A 154 11.38 34.80 25.58
N LEU A 155 10.17 34.27 25.72
CA LEU A 155 9.92 33.09 26.53
C LEU A 155 9.71 31.86 25.65
N ALA A 156 9.62 30.71 26.31
CA ALA A 156 9.44 29.46 25.59
C ALA A 156 8.10 29.42 24.88
N VAL A 157 7.05 29.96 25.50
CA VAL A 157 5.73 29.96 24.89
C VAL A 157 5.69 30.80 23.62
N ASP A 158 6.60 31.77 23.48
CA ASP A 158 6.63 32.57 22.26
C ASP A 158 7.01 31.73 21.05
N VAL A 159 7.92 30.77 21.25
CA VAL A 159 8.37 29.90 20.16
C VAL A 159 7.19 29.15 19.56
N PHE A 160 6.15 28.88 20.34
CA PHE A 160 4.95 28.25 19.81
C PHE A 160 3.90 29.27 19.37
N ARG A 161 3.79 30.40 20.07
CA ARG A 161 2.74 31.35 19.78
C ARG A 161 2.97 32.09 18.46
N LEU A 162 4.22 32.50 18.21
CA LEU A 162 4.49 33.30 17.02
C LEU A 162 4.21 32.56 15.71
N PRO A 163 4.67 31.31 15.51
CA PRO A 163 4.36 30.66 14.23
C PRO A 163 2.91 30.20 14.13
N LEU A 164 2.36 29.61 15.20
CA LEU A 164 1.00 29.10 15.14
C LEU A 164 -0.04 30.20 14.99
N SER A 165 0.34 31.46 15.25
CA SER A 165 -0.60 32.56 15.06
C SER A 165 -0.99 32.71 13.59
N ARG A 166 -0.02 32.54 12.69
CA ARG A 166 -0.29 32.66 11.26
C ARG A 166 -0.90 31.39 10.66
N ALA A 167 -0.98 30.31 11.44
CA ALA A 167 -1.51 29.06 10.91
C ALA A 167 -2.97 29.21 10.51
N PHE A 168 -3.75 29.93 11.33
CA PHE A 168 -5.16 30.13 11.01
C PHE A 168 -5.33 30.92 9.72
N GLN A 169 -4.54 31.99 9.55
CA GLN A 169 -4.61 32.77 8.32
C GLN A 169 -4.19 31.95 7.11
N LEU A 170 -3.13 31.14 7.25
CA LEU A 170 -2.69 30.30 6.14
C LEU A 170 -3.75 29.27 5.77
N VAL A 171 -4.38 28.66 6.77
CA VAL A 171 -5.43 27.68 6.50
C VAL A 171 -6.62 28.35 5.83
N GLU A 172 -6.97 29.57 6.26
CA GLU A 172 -8.07 30.29 5.63
C GLU A 172 -7.75 30.61 4.18
N GLU A 173 -6.51 31.02 3.90
CA GLU A 173 -6.11 31.29 2.51
C GLU A 173 -6.19 30.02 1.67
N ILE A 174 -5.72 28.90 2.21
CA ILE A 174 -5.78 27.64 1.48
C ILE A 174 -7.23 27.25 1.20
N ARG A 175 -8.09 27.40 2.20
CA ARG A 175 -9.49 26.98 2.06
C ARG A 175 -10.23 27.87 1.07
N ASN A 176 -9.93 29.17 1.06
CA ASN A 176 -10.64 30.11 0.20
C ASN A 176 -9.94 30.33 -1.14
N HIS A 177 -8.81 29.67 -1.39
CA HIS A 177 -8.13 29.81 -2.67
C HIS A 177 -8.99 29.26 -3.80
N ALA A 178 -9.01 29.98 -4.92
CA ALA A 178 -9.77 29.55 -6.08
C ALA A 178 -9.06 30.02 -7.34
N LEU A 179 -9.27 29.27 -8.43
CA LEU A 179 -8.75 29.66 -9.73
C LEU A 179 -9.58 30.78 -10.32
N ARG A 180 -8.93 31.88 -10.66
CA ARG A 180 -9.60 32.99 -11.33
C ARG A 180 -9.77 32.77 -12.82
N ASP A 181 -9.04 31.82 -13.40
CA ASP A 181 -9.16 31.50 -14.82
C ASP A 181 -8.84 30.01 -14.96
N SER A 182 -9.90 29.18 -15.01
CA SER A 182 -9.73 27.73 -14.99
C SER A 182 -10.56 27.10 -16.10
N SER A 183 -10.06 25.96 -16.59
CA SER A 183 -10.82 25.13 -17.51
C SER A 183 -11.54 23.99 -16.79
N GLY A 184 -10.95 23.42 -15.75
CA GLY A 184 -11.56 22.34 -15.02
C GLY A 184 -12.07 22.74 -13.65
N VAL A 185 -11.39 22.28 -12.59
CA VAL A 185 -11.82 22.58 -11.24
C VAL A 185 -11.55 24.04 -10.92
N LYS A 186 -12.24 24.53 -9.88
CA LYS A 186 -12.15 25.93 -9.47
C LYS A 186 -11.56 26.09 -8.08
N SER A 187 -12.09 25.39 -7.08
CA SER A 187 -11.72 25.61 -5.68
C SER A 187 -11.32 24.28 -5.05
N LEU A 188 -10.91 24.37 -3.78
CA LEU A 188 -10.49 23.19 -3.02
C LEU A 188 -11.64 22.24 -2.73
N GLU A 189 -12.87 22.74 -2.74
CA GLU A 189 -14.02 21.90 -2.39
C GLU A 189 -14.19 20.77 -3.39
N GLU A 190 -14.01 21.04 -4.68
CA GLU A 190 -14.25 20.05 -5.72
C GLU A 190 -13.19 18.96 -5.77
N VAL A 191 -12.08 19.11 -5.05
CA VAL A 191 -10.97 18.17 -5.18
C VAL A 191 -10.69 17.51 -3.84
N CYS A 192 -11.03 18.19 -2.74
CA CYS A 192 -10.70 17.68 -1.41
C CYS A 192 -11.44 16.38 -1.13
N LEU A 193 -10.82 15.55 -0.29
CA LEU A 193 -11.42 14.27 0.12
C LEU A 193 -12.34 14.53 1.30
N GLN A 194 -13.64 14.54 1.03
CA GLN A 194 -14.63 14.80 2.08
C GLN A 194 -14.69 13.63 3.06
N VAL A 195 -14.82 13.96 4.34
CA VAL A 195 -14.98 12.96 5.40
C VAL A 195 -16.20 13.35 6.23
N THR A 196 -16.96 12.35 6.66
CA THR A 196 -18.20 12.61 7.37
C THR A 196 -18.00 12.61 8.89
N ASP A 197 -17.52 11.51 9.45
CA ASP A 197 -17.40 11.39 10.89
C ASP A 197 -16.31 10.38 11.23
N LEU A 198 -15.84 10.45 12.47
CA LEU A 198 -14.79 9.57 12.96
C LEU A 198 -15.39 8.23 13.36
N LEU A 199 -14.52 7.29 13.73
CA LEU A 199 -14.96 6.00 14.19
C LEU A 199 -15.69 6.13 15.53
N PRO A 200 -16.63 5.23 15.82
CA PRO A 200 -17.22 5.19 17.16
C PRO A 200 -16.16 4.85 18.20
N GLY A 201 -16.33 5.42 19.39
CA GLY A 201 -15.35 5.29 20.44
C GLY A 201 -14.26 6.34 20.44
N LEU A 202 -14.20 7.18 19.41
CA LEU A 202 -13.26 8.29 19.33
C LEU A 202 -13.91 9.61 19.71
N ARG A 203 -14.84 9.57 20.67
CA ARG A 203 -15.51 10.79 21.11
C ARG A 203 -14.53 11.79 21.72
N LYS A 204 -13.43 11.29 22.29
CA LYS A 204 -12.45 12.18 22.89
C LYS A 204 -11.72 13.04 21.87
N LEU A 205 -11.69 12.63 20.61
CA LEU A 205 -11.03 13.38 19.55
C LEU A 205 -11.98 14.32 18.81
N ARG A 206 -13.23 14.42 19.25
CA ARG A 206 -14.14 15.38 18.65
C ARG A 206 -13.65 16.80 18.90
N ASN A 207 -13.82 17.66 17.91
CA ASN A 207 -13.38 19.05 17.87
C ASN A 207 -11.86 19.18 17.77
N LEU A 208 -11.12 18.07 17.76
CA LEU A 208 -9.68 18.11 17.55
C LEU A 208 -9.27 17.53 16.21
N LEU A 209 -10.18 16.93 15.47
CA LEU A 209 -9.95 16.44 14.12
C LEU A 209 -11.08 16.89 13.21
N PRO A 210 -10.79 17.16 11.95
CA PRO A 210 -11.84 17.63 11.05
C PRO A 210 -12.87 16.56 10.75
N GLU A 211 -14.12 16.99 10.58
CA GLU A 211 -15.20 16.10 10.19
C GLU A 211 -16.29 16.93 9.54
N HIS A 212 -17.12 16.26 8.74
CA HIS A 212 -18.15 16.92 7.94
C HIS A 212 -17.56 18.03 7.08
N GLY A 213 -16.41 17.73 6.48
CA GLY A 213 -15.72 18.72 5.67
C GLY A 213 -14.46 18.12 5.09
N CYS A 214 -13.71 18.97 4.39
CA CYS A 214 -12.46 18.54 3.78
C CYS A 214 -11.46 18.13 4.85
N LEU A 215 -10.68 17.09 4.55
CA LEU A 215 -9.68 16.58 5.49
C LEU A 215 -8.45 17.47 5.40
N LEU A 216 -8.38 18.47 6.28
CA LEU A 216 -7.26 19.41 6.33
C LEU A 216 -6.74 19.45 7.75
N LEU A 217 -5.48 19.04 7.92
CA LEU A 217 -4.86 18.94 9.24
C LEU A 217 -3.89 20.10 9.44
N SER A 218 -3.99 20.77 10.58
CA SER A 218 -3.13 21.89 10.91
C SER A 218 -3.10 22.04 12.42
N PRO A 219 -2.09 22.73 12.96
CA PRO A 219 -2.08 22.98 14.42
C PRO A 219 -3.27 23.78 14.90
N GLY A 220 -3.96 24.50 14.02
CA GLY A 220 -5.18 25.20 14.42
C GLY A 220 -6.31 24.29 14.84
N ASN A 221 -6.22 23.00 14.54
CA ASN A 221 -7.26 22.06 14.97
C ASN A 221 -7.31 21.95 16.49
N PHE A 222 -6.20 22.22 17.17
CA PHE A 222 -6.21 22.21 18.63
C PHE A 222 -7.18 23.24 19.20
N TRP A 223 -7.33 24.39 18.52
CA TRP A 223 -8.26 25.42 18.92
C TRP A 223 -9.43 25.55 17.96
N GLN A 224 -9.64 24.53 17.11
CA GLN A 224 -10.77 24.49 16.18
C GLN A 224 -10.72 25.62 15.16
N ASN A 225 -9.51 26.01 14.77
CA ASN A 225 -9.30 27.08 13.78
C ASN A 225 -9.96 28.39 14.20
N ASP A 226 -10.06 28.62 15.51
CA ASP A 226 -10.63 29.84 16.06
C ASP A 226 -9.50 30.67 16.64
N TRP A 227 -9.12 31.73 15.93
CA TRP A 227 -8.02 32.57 16.39
C TRP A 227 -8.35 33.26 17.70
N GLU A 228 -9.61 33.62 17.92
CA GLU A 228 -9.99 34.19 19.20
C GLU A 228 -9.78 33.20 20.34
N ARG A 229 -10.16 31.94 20.13
CA ARG A 229 -9.93 30.91 21.13
C ARG A 229 -8.44 30.71 21.38
N PHE A 230 -7.64 30.69 20.30
CA PHE A 230 -6.20 30.53 20.44
C PHE A 230 -5.59 31.69 21.23
N HIS A 231 -6.03 32.91 20.94
CA HIS A 231 -5.52 34.09 21.63
C HIS A 231 -5.91 34.08 23.10
N ALA A 232 -7.14 33.66 23.40
CA ALA A 232 -7.60 33.62 24.79
C ALA A 232 -7.04 32.45 25.57
N ASP A 233 -6.53 31.42 24.89
CA ASP A 233 -5.98 30.26 25.58
C ASP A 233 -4.75 30.66 26.37
N PRO A 234 -4.70 30.42 27.69
CA PRO A 234 -3.54 30.82 28.48
C PRO A 234 -2.43 29.79 28.58
N ASP A 235 -2.62 28.58 28.07
CA ASP A 235 -1.58 27.54 28.10
C ASP A 235 -1.49 26.89 26.73
N ILE A 236 -0.69 27.49 25.84
CA ILE A 236 -0.55 26.99 24.49
C ILE A 236 0.15 25.63 24.50
N ILE A 237 1.27 25.53 25.20
CA ILE A 237 2.00 24.27 25.27
C ILE A 237 1.15 23.21 25.97
N GLY A 238 0.41 23.62 27.00
CA GLY A 238 -0.44 22.66 27.70
C GLY A 238 -1.52 22.09 26.81
N THR A 239 -2.21 22.95 26.06
CA THR A 239 -3.26 22.43 25.18
C THR A 239 -2.69 21.71 23.98
N ILE A 240 -1.45 21.98 23.59
CA ILE A 240 -0.81 21.22 22.52
C ILE A 240 -0.49 19.81 23.01
N HIS A 241 0.09 19.70 24.21
CA HIS A 241 0.50 18.42 24.75
C HIS A 241 -0.55 17.81 25.68
N GLN A 242 -1.81 18.23 25.56
CA GLN A 242 -2.85 17.72 26.45
C GLN A 242 -3.02 16.21 26.28
N HIS A 243 -2.98 15.72 25.05
CA HIS A 243 -3.21 14.30 24.76
C HIS A 243 -1.93 13.54 24.50
N GLU A 244 -0.78 14.10 24.86
CA GLU A 244 0.48 13.42 24.63
C GLU A 244 0.60 12.23 25.59
N PRO A 245 0.86 11.03 25.07
CA PRO A 245 0.97 9.85 25.95
C PRO A 245 2.18 9.95 26.87
N LYS A 246 2.03 9.36 28.05
CA LYS A 246 3.13 9.35 29.01
C LYS A 246 4.22 8.36 28.64
N THR A 247 3.91 7.37 27.81
CA THR A 247 4.87 6.37 27.37
C THR A 247 4.80 6.23 25.85
N LEU A 248 5.77 5.50 25.30
CA LEU A 248 5.82 5.32 23.85
C LEU A 248 4.62 4.50 23.37
N GLN A 249 4.08 4.90 22.23
CA GLN A 249 2.95 4.22 21.61
C GLN A 249 3.22 4.05 20.13
N THR A 250 2.88 2.86 19.61
CA THR A 250 3.09 2.58 18.20
C THR A 250 2.25 3.50 17.31
N SER A 251 0.98 3.72 17.68
CA SER A 251 0.10 4.56 16.90
C SER A 251 0.56 6.01 16.93
N ALA A 252 0.22 6.74 15.87
CA ALA A 252 0.64 8.12 15.76
C ALA A 252 -0.08 9.00 16.78
N THR A 253 0.69 9.85 17.46
CA THR A 253 0.14 10.78 18.43
C THR A 253 -0.74 11.81 17.73
N LEU A 254 -1.72 12.34 18.46
CA LEU A 254 -2.59 13.37 17.90
C LEU A 254 -1.80 14.62 17.54
N LYS A 255 -0.85 15.00 18.39
CA LYS A 255 0.00 16.15 18.06
C LYS A 255 0.81 15.90 16.80
N ASP A 256 1.35 14.69 16.67
CA ASP A 256 2.10 14.33 15.46
C ASP A 256 1.21 14.39 14.23
N LEU A 257 -0.02 13.90 14.35
CA LEU A 257 -0.95 13.94 13.22
C LEU A 257 -1.28 15.36 12.81
N LEU A 258 -1.53 16.23 13.79
CA LEU A 258 -1.93 17.60 13.47
C LEU A 258 -0.76 18.42 12.94
N PHE A 259 0.44 18.21 13.49
CA PHE A 259 1.59 18.96 13.03
C PHE A 259 2.13 18.44 11.70
N GLY A 260 2.03 17.14 11.44
CA GLY A 260 2.56 16.58 10.23
C GLY A 260 4.07 16.62 10.13
N VAL A 261 4.77 16.75 11.26
CA VAL A 261 6.22 16.94 11.27
C VAL A 261 6.82 16.00 12.31
N PRO A 262 8.00 15.43 12.07
CA PRO A 262 8.67 14.65 13.11
C PRO A 262 8.93 15.50 14.35
N GLY A 263 8.88 14.85 15.51
CA GLY A 263 8.86 15.54 16.78
C GLY A 263 10.09 16.36 17.09
N LYS A 264 11.19 16.15 16.36
CA LYS A 264 12.41 16.91 16.65
C LYS A 264 12.31 18.35 16.17
N TYR A 265 11.43 18.65 15.22
CA TYR A 265 11.24 20.02 14.77
C TYR A 265 10.18 20.78 15.55
N SER A 266 9.43 20.11 16.43
CA SER A 266 8.33 20.75 17.13
C SER A 266 8.43 20.62 18.64
N GLY A 267 9.56 20.17 19.16
CA GLY A 267 9.71 20.04 20.60
C GLY A 267 9.85 21.38 21.30
N VAL A 268 9.63 21.37 22.61
CA VAL A 268 9.75 22.57 23.40
C VAL A 268 11.21 22.97 23.58
N SER A 269 12.13 22.02 23.39
CA SER A 269 13.55 22.27 23.62
C SER A 269 14.16 23.25 22.61
N LEU A 270 13.44 23.59 21.55
CA LEU A 270 14.00 24.48 20.52
C LEU A 270 14.36 25.85 21.09
N TYR A 271 13.67 26.29 22.15
CA TYR A 271 13.95 27.60 22.71
C TYR A 271 15.37 27.68 23.26
N THR A 272 15.91 26.56 23.73
CA THR A 272 17.30 26.55 24.19
C THR A 272 18.25 26.82 23.03
N ARG A 273 17.98 26.23 21.87
CA ARG A 273 18.79 26.44 20.68
C ARG A 273 18.40 27.67 19.90
N LYS A 274 17.43 28.45 20.41
CA LYS A 274 16.95 29.67 19.76
C LYS A 274 16.29 29.38 18.41
N ARG A 275 15.79 28.16 18.22
CA ARG A 275 15.08 27.80 17.01
C ARG A 275 13.63 28.23 17.14
N THR A 276 12.79 27.78 16.21
CA THR A 276 11.37 28.12 16.22
C THR A 276 10.59 26.93 15.70
N VAL A 277 9.40 26.72 16.26
CA VAL A 277 8.60 25.56 15.91
C VAL A 277 8.16 25.64 14.45
N SER A 278 8.31 24.53 13.73
CA SER A 278 7.88 24.42 12.35
C SER A 278 6.85 23.32 12.23
N TYR A 279 5.77 23.60 11.50
CA TYR A 279 4.67 22.64 11.37
C TYR A 279 4.32 22.42 9.91
N THR A 280 3.22 21.72 9.64
CA THR A 280 2.84 21.42 8.27
C THR A 280 1.33 21.33 8.17
N ILE A 281 0.75 22.08 7.24
CA ILE A 281 -0.67 21.97 6.91
C ILE A 281 -0.83 20.85 5.90
N THR A 282 -1.59 19.83 6.27
CA THR A 282 -1.73 18.63 5.45
C THR A 282 -3.03 18.66 4.67
N LEU A 283 -2.93 18.51 3.36
CA LEU A 283 -4.09 18.45 2.48
C LEU A 283 -4.20 17.05 1.88
N VAL A 284 -5.40 16.49 1.93
CA VAL A 284 -5.67 15.16 1.40
C VAL A 284 -6.59 15.32 0.20
N PHE A 285 -6.15 14.82 -0.95
CA PHE A 285 -6.84 15.03 -2.22
C PHE A 285 -7.46 13.73 -2.70
N GLN A 286 -8.76 13.77 -2.97
CA GLN A 286 -9.42 12.60 -3.58
C GLN A 286 -9.08 12.47 -5.05
N ARG A 287 -8.86 13.59 -5.74
CA ARG A 287 -8.53 13.61 -7.15
C ARG A 287 -7.27 14.43 -7.35
N TYR A 288 -6.69 14.32 -8.54
CA TYR A 288 -5.49 15.06 -8.91
C TYR A 288 -5.82 16.06 -10.00
N ASP A 289 -5.41 17.32 -9.78
CA ASP A 289 -5.58 18.38 -10.77
C ASP A 289 -4.28 19.18 -10.82
N SER A 290 -3.51 18.99 -11.89
CA SER A 290 -2.22 19.65 -11.99
C SER A 290 -2.37 21.17 -11.98
N ARG A 291 -3.37 21.69 -12.69
CA ARG A 291 -3.56 23.14 -12.73
C ARG A 291 -3.86 23.69 -11.34
N PHE A 292 -4.75 23.03 -10.60
CA PHE A 292 -5.10 23.52 -9.27
C PHE A 292 -3.91 23.43 -8.31
N LEU A 293 -3.16 22.33 -8.37
CA LEU A 293 -2.01 22.20 -7.49
C LEU A 293 -0.94 23.24 -7.81
N SER A 294 -0.68 23.48 -9.09
CA SER A 294 0.30 24.48 -9.48
C SER A 294 -0.17 25.88 -9.05
N SER A 295 -1.45 26.16 -9.21
CA SER A 295 -1.98 27.46 -8.79
C SER A 295 -1.87 27.65 -7.29
N LEU A 296 -2.18 26.62 -6.51
CA LEU A 296 -2.05 26.71 -5.07
C LEU A 296 -0.59 26.96 -4.66
N ARG A 297 0.33 26.23 -5.29
CA ARG A 297 1.75 26.43 -4.99
C ARG A 297 2.19 27.85 -5.34
N SER A 298 1.76 28.35 -6.50
CA SER A 298 2.14 29.70 -6.91
C SER A 298 1.56 30.75 -5.98
N ARG A 299 0.30 30.57 -5.56
CA ARG A 299 -0.32 31.53 -4.65
C ARG A 299 0.40 31.54 -3.31
N LEU A 300 0.75 30.36 -2.79
CA LEU A 300 1.47 30.32 -1.52
C LEU A 300 2.86 30.95 -1.66
N LYS A 301 3.54 30.70 -2.77
CA LYS A 301 4.86 31.29 -2.98
C LYS A 301 4.78 32.80 -3.14
N LEU A 302 3.71 33.31 -3.74
CA LEU A 302 3.52 34.75 -3.83
C LEU A 302 3.25 35.36 -2.45
N LEU A 303 2.37 34.72 -1.67
CA LEU A 303 2.01 35.25 -0.37
C LEU A 303 3.19 35.24 0.59
N HIS A 304 3.91 34.13 0.66
CA HIS A 304 5.04 33.96 1.58
C HIS A 304 6.25 33.47 0.79
N PRO A 305 6.93 34.36 0.08
CA PRO A 305 8.11 33.95 -0.68
C PRO A 305 9.18 33.38 0.24
N SER A 306 9.85 32.32 -0.23
CA SER A 306 10.89 31.66 0.54
C SER A 306 12.24 31.89 -0.11
N PRO A 307 13.06 32.80 0.40
CA PRO A 307 14.36 33.05 -0.22
C PRO A 307 15.29 31.86 -0.09
N ASN A 308 16.20 31.73 -1.06
CA ASN A 308 17.21 30.67 -1.08
C ASN A 308 16.56 29.29 -1.04
N CYS A 309 15.45 29.13 -1.76
CA CYS A 309 14.74 27.87 -1.85
C CYS A 309 14.96 27.25 -3.22
N SER A 310 15.44 26.01 -3.25
CA SER A 310 15.74 25.31 -4.49
C SER A 310 15.18 23.90 -4.46
N LEU A 311 13.95 23.75 -3.99
CA LEU A 311 13.31 22.44 -3.96
C LEU A 311 13.02 21.95 -5.37
N ARG A 312 13.26 20.66 -5.60
CA ARG A 312 13.17 20.13 -6.96
C ARG A 312 11.72 19.99 -7.41
N ALA A 313 10.84 19.49 -6.54
CA ALA A 313 9.43 19.28 -6.87
C ALA A 313 9.27 18.54 -8.19
N GLU A 314 10.02 17.45 -8.34
CA GLU A 314 10.15 16.77 -9.62
C GLU A 314 9.32 15.50 -9.74
N ASN A 315 9.20 14.72 -8.68
CA ASN A 315 8.59 13.39 -8.76
C ASN A 315 7.54 13.20 -7.68
N LEU A 316 6.47 12.50 -8.03
CA LEU A 316 5.54 11.97 -7.03
C LEU A 316 6.15 10.73 -6.38
N VAL A 317 5.62 10.38 -5.21
CA VAL A 317 6.02 9.17 -4.51
C VAL A 317 4.77 8.37 -4.19
N HIS A 318 4.77 7.10 -4.60
CA HIS A 318 3.67 6.19 -4.31
C HIS A 318 4.11 5.23 -3.21
N VAL A 319 3.34 5.18 -2.13
CA VAL A 319 3.63 4.32 -0.99
C VAL A 319 2.50 3.31 -0.87
N HIS A 320 2.85 2.03 -0.92
CA HIS A 320 1.88 0.94 -0.81
C HIS A 320 2.00 0.30 0.57
N PHE A 321 0.86 0.13 1.23
CA PHE A 321 0.81 -0.45 2.57
C PHE A 321 0.36 -1.89 2.45
N LYS A 322 1.16 -2.82 2.98
CA LYS A 322 0.83 -4.23 2.92
C LYS A 322 -0.19 -4.58 4.00
N GLU A 323 -0.74 -5.79 3.89
CA GLU A 323 -1.65 -6.32 4.90
C GLU A 323 -0.81 -6.87 6.06
N GLU A 324 -0.82 -6.16 7.18
CA GLU A 324 -0.01 -6.56 8.33
C GLU A 324 -0.64 -7.78 8.99
N ILE A 325 0.14 -8.85 9.11
CA ILE A 325 -0.32 -10.11 9.71
C ILE A 325 0.16 -10.16 11.14
N GLY A 326 -0.79 -10.29 12.08
CA GLY A 326 -0.46 -10.35 13.49
C GLY A 326 -0.01 -11.72 13.92
N ILE A 327 0.31 -11.82 15.21
CA ILE A 327 0.73 -13.10 15.77
C ILE A 327 -0.44 -14.07 15.90
N ALA A 328 -1.68 -13.58 15.87
CA ALA A 328 -2.84 -14.45 15.99
C ALA A 328 -2.92 -15.41 14.82
N GLU A 329 -2.61 -14.95 13.61
CA GLU A 329 -2.60 -15.81 12.44
C GLU A 329 -1.33 -16.64 12.34
N LEU A 330 -0.36 -16.43 13.23
CA LEU A 330 0.92 -17.14 13.17
C LEU A 330 0.98 -18.35 14.09
N ILE A 331 0.21 -18.35 15.19
CA ILE A 331 0.28 -19.47 16.14
C ILE A 331 -0.07 -20.80 15.50
N PRO A 332 -1.16 -20.94 14.72
CA PRO A 332 -1.40 -22.23 14.05
C PRO A 332 -0.27 -22.63 13.11
N LEU A 333 0.39 -21.67 12.47
CA LEU A 333 1.49 -21.99 11.56
C LEU A 333 2.65 -22.66 12.28
N VAL A 334 3.12 -22.05 13.37
CA VAL A 334 4.21 -22.66 14.11
C VAL A 334 3.76 -23.94 14.80
N THR A 335 2.48 -24.00 15.20
CA THR A 335 1.97 -25.23 15.81
C THR A 335 2.01 -26.39 14.83
N THR A 336 1.59 -26.16 13.59
CA THR A 336 1.63 -27.25 12.61
C THR A 336 3.05 -27.55 12.17
N TYR A 337 3.95 -26.55 12.19
CA TYR A 337 5.35 -26.85 11.91
C TYR A 337 5.95 -27.75 12.97
N ILE A 338 5.70 -27.46 14.25
CA ILE A 338 6.26 -28.31 15.30
C ILE A 338 5.57 -29.68 15.29
N ILE A 339 4.30 -29.74 14.90
CA ILE A 339 3.64 -31.03 14.73
C ILE A 339 4.32 -31.84 13.64
N LEU A 340 4.68 -31.18 12.53
CA LEU A 340 5.41 -31.85 11.46
C LEU A 340 6.76 -32.35 11.95
N PHE A 341 7.47 -31.54 12.73
CA PHE A 341 8.77 -31.96 13.24
C PHE A 341 8.63 -33.16 14.18
N ALA A 342 7.60 -33.15 15.03
CA ALA A 342 7.34 -34.29 15.89
C ALA A 342 7.01 -35.53 15.08
N TYR A 343 6.22 -35.36 14.02
CA TYR A 343 5.86 -36.50 13.17
C TYR A 343 7.09 -37.11 12.51
N ILE A 344 7.97 -36.27 11.95
CA ILE A 344 9.15 -36.82 11.29
C ILE A 344 10.10 -37.45 12.32
N TYR A 345 10.20 -36.86 13.51
CA TYR A 345 11.03 -37.44 14.55
C TYR A 345 10.50 -38.80 14.98
N PHE A 346 9.18 -38.94 15.09
CA PHE A 346 8.60 -40.22 15.47
C PHE A 346 8.68 -41.23 14.33
N SER A 347 8.63 -40.77 13.08
CA SER A 347 8.85 -41.66 11.95
C SER A 347 10.27 -42.22 11.98
N THR A 348 11.25 -41.37 12.31
CA THR A 348 12.59 -41.83 12.62
C THR A 348 12.57 -42.45 14.02
N ARG A 349 13.74 -42.87 14.49
CA ARG A 349 13.93 -43.44 15.83
C ARG A 349 13.19 -44.76 16.00
N LYS A 350 12.56 -45.28 14.95
CA LYS A 350 11.94 -46.59 14.97
C LYS A 350 12.73 -47.60 14.13
N ILE A 351 14.02 -47.34 13.93
CA ILE A 351 14.85 -48.12 13.02
C ILE A 351 16.19 -48.40 13.68
N ASP A 352 16.85 -49.45 13.20
CA ASP A 352 18.21 -49.79 13.61
C ASP A 352 19.03 -50.10 12.36
N MET A 353 20.19 -49.46 12.25
CA MET A 353 21.01 -49.57 11.06
C MET A 353 22.26 -50.40 11.36
N VAL A 354 22.71 -51.14 10.34
CA VAL A 354 23.87 -51.99 10.51
C VAL A 354 25.13 -51.17 10.74
N LYS A 355 25.23 -50.01 10.12
CA LYS A 355 26.41 -49.16 10.22
C LYS A 355 26.14 -47.83 10.90
N SER A 356 25.05 -47.15 10.53
CA SER A 356 24.77 -45.80 11.01
C SER A 356 23.71 -45.85 12.12
N LYS A 357 23.27 -44.67 12.55
CA LYS A 357 22.14 -44.52 13.46
C LYS A 357 21.16 -43.44 13.05
N TRP A 358 21.52 -42.56 12.11
CA TRP A 358 20.63 -41.51 11.65
C TRP A 358 20.70 -41.33 10.13
N GLY A 359 21.54 -42.09 9.45
CA GLY A 359 21.81 -41.92 8.03
C GLY A 359 20.62 -42.08 7.12
N LEU A 360 20.02 -43.27 7.09
CA LEU A 360 18.88 -43.48 6.18
C LEU A 360 17.66 -42.70 6.62
N ALA A 361 17.53 -42.34 7.91
CA ALA A 361 16.46 -41.45 8.32
C ALA A 361 16.63 -40.07 7.69
N LEU A 362 17.85 -39.53 7.77
CA LEU A 362 18.14 -38.28 7.07
C LEU A 362 17.92 -38.43 5.59
N ALA A 363 18.25 -39.59 5.03
CA ALA A 363 18.05 -39.85 3.61
C ALA A 363 16.57 -39.79 3.25
N ALA A 364 15.72 -40.38 4.08
CA ALA A 364 14.28 -40.34 3.82
C ALA A 364 13.73 -38.92 3.92
N VAL A 365 14.20 -38.16 4.91
CA VAL A 365 13.76 -36.76 5.02
C VAL A 365 14.19 -35.96 3.80
N VAL A 366 15.43 -36.17 3.35
CA VAL A 366 15.91 -35.51 2.14
C VAL A 366 15.09 -35.94 0.94
N THR A 367 14.73 -37.23 0.89
CA THR A 367 13.93 -37.75 -0.22
C THR A 367 12.59 -37.03 -0.31
N VAL A 368 11.87 -36.94 0.82
CA VAL A 368 10.55 -36.31 0.77
C VAL A 368 10.68 -34.81 0.46
N LEU A 369 11.68 -34.14 1.06
CA LEU A 369 11.86 -32.72 0.81
C LEU A 369 12.17 -32.45 -0.66
N SER A 370 13.07 -33.24 -1.24
CA SER A 370 13.43 -33.04 -2.64
C SER A 370 12.27 -33.41 -3.56
N SER A 371 11.48 -34.42 -3.19
CA SER A 371 10.31 -34.77 -4.00
C SER A 371 9.32 -33.61 -4.04
N LEU A 372 9.03 -33.01 -2.89
CA LEU A 372 8.08 -31.89 -2.88
C LEU A 372 8.67 -30.67 -3.58
N LEU A 373 9.98 -30.44 -3.45
CA LEU A 373 10.61 -29.34 -4.16
C LEU A 373 10.54 -29.53 -5.67
N MET A 374 10.75 -30.77 -6.14
CA MET A 374 10.58 -31.06 -7.56
C MET A 374 9.15 -30.85 -8.01
N SER A 375 8.19 -31.28 -7.19
CA SER A 375 6.78 -31.23 -7.59
C SER A 375 6.26 -29.80 -7.66
N VAL A 376 6.64 -28.95 -6.70
CA VAL A 376 6.12 -27.59 -6.70
C VAL A 376 6.59 -26.82 -7.92
N GLY A 377 7.74 -27.21 -8.49
CA GLY A 377 8.22 -26.59 -9.70
C GLY A 377 7.64 -27.22 -10.96
N LEU A 378 7.52 -28.55 -10.96
CA LEU A 378 6.96 -29.24 -12.12
C LEU A 378 5.47 -28.98 -12.29
N CYS A 379 4.81 -28.44 -11.24
CA CYS A 379 3.41 -28.04 -11.39
C CYS A 379 3.25 -27.01 -12.50
N THR A 380 4.24 -26.12 -12.68
CA THR A 380 4.18 -25.17 -13.79
C THR A 380 4.22 -25.90 -15.13
N LEU A 381 5.08 -26.91 -15.25
CA LEU A 381 5.16 -27.68 -16.49
C LEU A 381 3.88 -28.47 -16.73
N PHE A 382 3.19 -28.88 -15.67
CA PHE A 382 1.92 -29.58 -15.81
C PHE A 382 0.81 -28.68 -16.34
N GLY A 383 1.02 -27.38 -16.43
CA GLY A 383 -0.02 -26.49 -16.88
C GLY A 383 -0.99 -26.06 -15.81
N LEU A 384 -0.57 -26.08 -14.55
CA LEU A 384 -1.42 -25.71 -13.42
C LEU A 384 -0.82 -24.52 -12.69
N THR A 385 -1.68 -23.74 -12.06
CA THR A 385 -1.26 -22.49 -11.43
C THR A 385 -0.45 -22.76 -10.17
N PRO A 386 0.79 -22.24 -10.08
CA PRO A 386 1.59 -22.45 -8.86
C PRO A 386 1.40 -21.35 -7.82
N THR A 387 0.37 -20.52 -8.00
CA THR A 387 0.18 -19.34 -7.16
C THR A 387 -0.24 -19.67 -5.73
N LEU A 388 -0.25 -20.93 -5.32
CA LEU A 388 -0.62 -21.28 -3.95
C LEU A 388 0.43 -20.76 -2.97
N ASN A 389 -0.02 -20.48 -1.74
CA ASN A 389 0.85 -19.82 -0.77
C ASN A 389 2.07 -20.65 -0.42
N GLY A 390 1.88 -21.96 -0.22
CA GLY A 390 3.01 -22.85 0.02
C GLY A 390 3.50 -22.86 1.46
N GLY A 391 3.58 -21.69 2.08
CA GLY A 391 4.12 -21.60 3.43
C GLY A 391 3.36 -22.47 4.43
N GLU A 392 2.04 -22.41 4.38
CA GLU A 392 1.21 -23.29 5.21
C GLU A 392 0.90 -24.62 4.53
N ILE A 393 1.08 -24.71 3.22
CA ILE A 393 0.81 -25.94 2.49
C ILE A 393 1.87 -26.99 2.79
N PHE A 394 3.11 -26.57 3.03
CA PHE A 394 4.22 -27.50 3.13
C PHE A 394 4.04 -28.57 4.21
N PRO A 395 3.68 -28.25 5.46
CA PRO A 395 3.59 -29.32 6.47
C PRO A 395 2.47 -30.31 6.19
N TYR A 396 1.29 -29.82 5.80
CA TYR A 396 0.21 -30.74 5.46
C TYR A 396 0.58 -31.60 4.26
N LEU A 397 1.30 -31.02 3.30
CA LEU A 397 1.77 -31.81 2.15
C LEU A 397 2.70 -32.92 2.61
N VAL A 398 3.62 -32.63 3.52
CA VAL A 398 4.56 -33.64 3.99
C VAL A 398 3.82 -34.74 4.74
N VAL A 399 2.88 -34.36 5.63
CA VAL A 399 2.18 -35.38 6.39
C VAL A 399 1.27 -36.22 5.49
N VAL A 400 0.76 -35.63 4.40
CA VAL A 400 -0.05 -36.40 3.46
C VAL A 400 0.83 -37.37 2.70
N ILE A 401 2.02 -36.94 2.29
CA ILE A 401 2.92 -37.83 1.55
C ILE A 401 3.30 -39.03 2.42
N GLY A 402 3.64 -38.79 3.68
CA GLY A 402 3.95 -39.86 4.60
C GLY A 402 5.32 -40.45 4.37
N LEU A 403 5.72 -41.32 5.32
CA LEU A 403 7.00 -42.00 5.25
C LEU A 403 6.88 -43.50 5.45
N GLU A 404 5.65 -44.04 5.43
CA GLU A 404 5.45 -45.47 5.67
C GLU A 404 6.12 -46.32 4.60
N ASN A 405 6.00 -45.91 3.33
CA ASN A 405 6.57 -46.70 2.24
C ASN A 405 8.09 -46.78 2.34
N VAL A 406 8.75 -45.67 2.65
CA VAL A 406 10.19 -45.69 2.80
C VAL A 406 10.60 -46.44 4.06
N LEU A 407 9.84 -46.27 5.14
CA LEU A 407 10.18 -46.91 6.41
C LEU A 407 10.10 -48.42 6.31
N VAL A 408 9.04 -48.94 5.67
CA VAL A 408 8.84 -50.38 5.63
C VAL A 408 9.89 -51.08 4.76
N LEU A 409 10.53 -50.36 3.85
CA LEU A 409 11.56 -50.97 3.01
C LEU A 409 12.76 -51.40 3.82
N THR A 410 13.10 -50.65 4.87
CA THR A 410 14.33 -50.91 5.62
C THR A 410 14.23 -52.18 6.46
N LYS A 411 13.02 -52.53 6.93
CA LYS A 411 12.89 -53.60 7.91
C LYS A 411 13.34 -54.94 7.34
N SER A 412 12.80 -55.32 6.17
CA SER A 412 13.19 -56.60 5.58
C SER A 412 14.66 -56.59 5.16
N VAL A 413 15.13 -55.44 4.66
CA VAL A 413 16.53 -55.34 4.23
C VAL A 413 17.46 -55.60 5.39
N VAL A 414 17.19 -55.00 6.55
CA VAL A 414 18.04 -55.24 7.71
C VAL A 414 17.74 -56.58 8.36
N SER A 415 16.61 -57.20 8.03
CA SER A 415 16.31 -58.56 8.49
C SER A 415 16.86 -59.63 7.56
N THR A 416 17.47 -59.24 6.44
CA THR A 416 18.04 -60.22 5.52
C THR A 416 19.13 -61.02 6.22
N PRO A 417 19.10 -62.36 6.14
CA PRO A 417 20.08 -63.17 6.87
C PRO A 417 21.44 -63.26 6.19
N VAL A 418 21.58 -62.76 4.96
CA VAL A 418 22.86 -62.82 4.28
C VAL A 418 23.86 -61.92 5.00
N ASP A 419 25.06 -62.43 5.26
CA ASP A 419 26.07 -61.72 6.02
C ASP A 419 27.12 -61.05 5.15
N LEU A 420 27.54 -61.69 4.06
CA LEU A 420 28.63 -61.18 3.23
C LEU A 420 28.12 -60.46 1.98
N GLU A 421 27.32 -61.13 1.17
CA GLU A 421 26.88 -60.56 -0.10
C GLU A 421 25.91 -59.41 0.11
N VAL A 422 26.04 -58.37 -0.71
CA VAL A 422 25.16 -57.21 -0.65
C VAL A 422 24.05 -57.29 -1.69
N LYS A 423 24.39 -57.71 -2.90
CA LYS A 423 23.36 -57.93 -3.92
C LYS A 423 22.33 -58.94 -3.45
N LEU A 424 22.79 -59.99 -2.74
CA LEU A 424 21.86 -60.95 -2.14
C LEU A 424 20.91 -60.26 -1.18
N ARG A 425 21.45 -59.58 -0.16
CA ARG A 425 20.62 -58.91 0.84
C ARG A 425 19.61 -58.00 0.16
N ILE A 426 20.04 -57.26 -0.86
CA ILE A 426 19.12 -56.44 -1.63
C ILE A 426 18.02 -57.31 -2.23
N ALA A 427 18.41 -58.46 -2.81
CA ALA A 427 17.45 -59.29 -3.52
C ALA A 427 16.37 -59.85 -2.58
N GLN A 428 16.78 -60.51 -1.50
CA GLN A 428 15.78 -61.04 -0.56
C GLN A 428 14.99 -59.93 0.12
N GLY A 429 15.62 -58.84 0.53
CA GLY A 429 14.87 -57.77 1.18
C GLY A 429 13.82 -57.17 0.26
N LEU A 430 14.18 -56.95 -1.01
CA LEU A 430 13.23 -56.38 -1.95
C LEU A 430 12.14 -57.38 -2.31
N SER A 431 12.48 -58.67 -2.41
CA SER A 431 11.44 -59.67 -2.63
C SER A 431 10.46 -59.70 -1.48
N SER A 432 10.95 -59.57 -0.24
CA SER A 432 10.07 -59.52 0.92
C SER A 432 9.19 -58.28 0.89
N GLU A 433 9.75 -57.13 0.52
CA GLU A 433 8.99 -55.89 0.48
C GLU A 433 8.12 -55.76 -0.77
N SER A 434 8.23 -56.69 -1.72
CA SER A 434 7.47 -56.61 -2.95
C SER A 434 5.98 -56.55 -2.68
N TRP A 435 5.29 -55.70 -3.46
CA TRP A 435 3.85 -55.51 -3.45
C TRP A 435 3.38 -54.76 -2.22
N SER A 436 4.25 -54.63 -1.22
CA SER A 436 3.88 -53.96 0.02
C SER A 436 3.91 -52.45 -0.15
N ILE A 437 5.06 -51.92 -0.56
CA ILE A 437 5.16 -50.50 -0.88
C ILE A 437 4.22 -50.15 -2.01
N MET A 438 4.02 -51.07 -2.97
CA MET A 438 3.09 -50.83 -4.06
C MET A 438 1.68 -50.59 -3.54
N LYS A 439 1.19 -51.48 -2.67
CA LYS A 439 -0.15 -51.32 -2.14
C LYS A 439 -0.25 -50.09 -1.25
N ASN A 440 0.80 -49.81 -0.46
CA ASN A 440 0.76 -48.62 0.39
C ASN A 440 0.65 -47.35 -0.44
N VAL A 441 1.46 -47.23 -1.49
CA VAL A 441 1.43 -46.05 -2.35
C VAL A 441 0.08 -45.96 -3.07
N ALA A 442 -0.42 -47.09 -3.58
CA ALA A 442 -1.70 -47.06 -4.28
C ALA A 442 -2.83 -46.62 -3.35
N THR A 443 -2.85 -47.13 -2.13
CA THR A 443 -3.87 -46.73 -1.16
C THR A 443 -3.75 -45.25 -0.82
N GLU A 444 -2.52 -44.76 -0.66
CA GLU A 444 -2.36 -43.36 -0.31
C GLU A 444 -2.71 -42.43 -1.48
N LEU A 445 -2.58 -42.91 -2.72
CA LEU A 445 -2.85 -42.04 -3.86
C LEU A 445 -4.30 -42.10 -4.33
N GLY A 446 -4.99 -43.22 -4.07
CA GLY A 446 -6.36 -43.35 -4.55
C GLY A 446 -7.30 -42.31 -3.95
N ILE A 447 -7.08 -41.95 -2.69
CA ILE A 447 -7.95 -40.99 -2.02
C ILE A 447 -7.80 -39.60 -2.63
N ILE A 448 -6.61 -39.26 -3.12
CA ILE A 448 -6.34 -37.91 -3.61
C ILE A 448 -7.16 -37.58 -4.86
N LEU A 449 -7.38 -38.58 -5.71
CA LEU A 449 -8.19 -38.37 -6.91
C LEU A 449 -9.61 -37.95 -6.53
N ILE A 450 -10.22 -38.68 -5.60
CA ILE A 450 -11.55 -38.29 -5.11
C ILE A 450 -11.49 -36.94 -4.42
N GLY A 451 -10.37 -36.65 -3.74
CA GLY A 451 -10.23 -35.37 -3.08
C GLY A 451 -10.30 -34.20 -4.05
N TYR A 452 -9.63 -34.31 -5.19
CA TYR A 452 -9.65 -33.24 -6.17
C TYR A 452 -10.80 -33.35 -7.16
N PHE A 453 -11.57 -34.44 -7.12
CA PHE A 453 -12.75 -34.54 -7.97
C PHE A 453 -13.85 -33.56 -7.58
N THR A 454 -13.73 -32.90 -6.43
CA THR A 454 -14.71 -31.91 -6.01
C THR A 454 -14.45 -30.59 -6.74
N LEU A 455 -15.22 -29.56 -6.38
CA LEU A 455 -15.19 -28.29 -7.06
C LEU A 455 -14.32 -27.24 -6.37
N VAL A 456 -13.74 -27.57 -5.22
CA VAL A 456 -12.94 -26.59 -4.47
C VAL A 456 -11.62 -26.36 -5.22
N PRO A 457 -11.27 -25.11 -5.52
CA PRO A 457 -10.03 -24.85 -6.26
C PRO A 457 -8.77 -25.07 -5.42
N ALA A 458 -8.78 -24.61 -4.17
CA ALA A 458 -7.62 -24.78 -3.31
C ALA A 458 -7.36 -26.25 -3.01
N ILE A 459 -8.42 -27.01 -2.72
CA ILE A 459 -8.27 -28.44 -2.48
C ILE A 459 -7.77 -29.14 -3.75
N GLN A 460 -8.27 -28.71 -4.91
CA GLN A 460 -7.82 -29.30 -6.16
C GLN A 460 -6.33 -29.05 -6.38
N GLU A 461 -5.88 -27.81 -6.11
CA GLU A 461 -4.45 -27.51 -6.24
C GLU A 461 -3.62 -28.34 -5.26
N PHE A 462 -4.10 -28.46 -4.02
CA PHE A 462 -3.40 -29.26 -3.02
C PHE A 462 -3.26 -30.71 -3.48
N CYS A 463 -4.34 -31.28 -4.02
CA CYS A 463 -4.31 -32.67 -4.45
C CYS A 463 -3.46 -32.86 -5.70
N LEU A 464 -3.48 -31.88 -6.61
CA LEU A 464 -2.62 -31.95 -7.79
C LEU A 464 -1.15 -31.91 -7.39
N PHE A 465 -0.81 -31.09 -6.39
CA PHE A 465 0.54 -31.13 -5.84
C PHE A 465 0.82 -32.48 -5.21
N ALA A 466 -0.16 -33.03 -4.49
CA ALA A 466 0.07 -34.25 -3.71
C ALA A 466 0.33 -35.45 -4.61
N VAL A 467 -0.40 -35.58 -5.72
CA VAL A 467 -0.22 -36.76 -6.58
C VAL A 467 1.18 -36.79 -7.17
N VAL A 468 1.64 -35.65 -7.71
CA VAL A 468 2.96 -35.60 -8.30
C VAL A 468 4.04 -35.73 -7.23
N GLY A 469 3.80 -35.16 -6.03
CA GLY A 469 4.73 -35.37 -4.94
C GLY A 469 4.87 -36.83 -4.57
N LEU A 470 3.74 -37.55 -4.52
CA LEU A 470 3.77 -38.96 -4.16
C LEU A 470 4.47 -39.79 -5.23
N VAL A 471 4.23 -39.51 -6.51
CA VAL A 471 4.88 -40.31 -7.54
C VAL A 471 6.38 -40.02 -7.59
N SER A 472 6.77 -38.76 -7.42
CA SER A 472 8.19 -38.43 -7.36
C SER A 472 8.85 -39.07 -6.15
N ASP A 473 8.15 -39.07 -5.01
CA ASP A 473 8.66 -39.75 -3.83
C ASP A 473 8.83 -41.24 -4.07
N PHE A 474 7.88 -41.86 -4.77
CA PHE A 474 7.98 -43.27 -5.10
C PHE A 474 9.22 -43.55 -5.94
N PHE A 475 9.43 -42.76 -6.98
CA PHE A 475 10.62 -42.95 -7.82
C PHE A 475 11.91 -42.75 -7.02
N LEU A 476 11.94 -41.71 -6.19
CA LEU A 476 13.17 -41.38 -5.47
C LEU A 476 13.48 -42.44 -4.41
N GLN A 477 12.47 -42.94 -3.71
CA GLN A 477 12.74 -44.03 -2.77
C GLN A 477 13.09 -45.31 -3.52
N MET A 478 12.59 -45.47 -4.74
CA MET A 478 12.94 -46.66 -5.52
C MET A 478 14.38 -46.62 -6.00
N PHE A 479 14.97 -45.44 -6.16
CA PHE A 479 16.34 -45.38 -6.66
C PHE A 479 17.35 -44.92 -5.62
N PHE A 480 17.20 -43.70 -5.08
CA PHE A 480 18.25 -43.11 -4.26
C PHE A 480 18.35 -43.81 -2.90
N PHE A 481 17.22 -44.07 -2.26
CA PHE A 481 17.24 -44.72 -0.95
C PHE A 481 17.81 -46.12 -1.03
N THR A 482 17.40 -46.89 -2.05
CA THR A 482 17.92 -48.24 -2.17
C THR A 482 19.41 -48.22 -2.49
N THR A 483 19.87 -47.25 -3.29
CA THR A 483 21.30 -47.17 -3.57
C THR A 483 22.09 -46.82 -2.31
N VAL A 484 21.60 -45.88 -1.50
CA VAL A 484 22.37 -45.48 -0.32
C VAL A 484 22.37 -46.60 0.72
N LEU A 485 21.25 -47.31 0.88
CA LEU A 485 21.28 -48.44 1.80
C LEU A 485 22.17 -49.55 1.25
N SER A 486 22.25 -49.71 -0.07
CA SER A 486 23.16 -50.69 -0.65
C SER A 486 24.60 -50.34 -0.34
N ILE A 487 24.97 -49.05 -0.47
CA ILE A 487 26.35 -48.68 -0.17
C ILE A 487 26.63 -48.82 1.32
N ASP A 488 25.63 -48.56 2.16
CA ASP A 488 25.81 -48.77 3.60
C ASP A 488 26.07 -50.25 3.91
N ILE A 489 25.30 -51.14 3.27
CA ILE A 489 25.51 -52.57 3.47
C ILE A 489 26.87 -52.98 2.95
N ARG A 490 27.29 -52.42 1.82
CA ARG A 490 28.60 -52.73 1.27
C ARG A 490 29.71 -52.32 2.22
N ARG A 491 29.58 -51.14 2.83
CA ARG A 491 30.62 -50.67 3.73
C ARG A 491 30.60 -51.41 5.07
N MET A 492 29.43 -51.88 5.51
CA MET A 492 29.35 -52.53 6.81
C MET A 492 30.20 -53.80 6.86
N GLU A 493 30.03 -54.69 5.88
CA GLU A 493 30.80 -55.92 5.88
C GLU A 493 32.28 -55.67 5.62
N LEU A 494 32.59 -54.66 4.79
CA LEU A 494 33.98 -54.32 4.55
C LEU A 494 34.66 -53.85 5.83
N ALA A 495 33.98 -53.02 6.63
CA ALA A 495 34.53 -52.59 7.90
C ALA A 495 34.63 -53.76 8.88
N ASP A 496 33.61 -54.60 8.95
CA ASP A 496 33.61 -55.74 9.86
C ASP A 496 33.80 -57.05 9.09
N ASP A 654 26.68 37.76 17.74
CA ASP A 654 26.71 36.55 18.58
C ASP A 654 25.29 36.11 18.92
N SER A 655 25.13 34.81 19.18
CA SER A 655 23.83 34.21 19.51
C SER A 655 22.80 34.51 18.43
N ARG A 656 23.22 34.46 17.17
CA ARG A 656 22.34 34.74 16.06
C ARG A 656 21.33 33.62 15.89
N ALA A 657 20.06 33.98 15.70
CA ALA A 657 19.03 33.00 15.45
C ALA A 657 19.30 32.30 14.10
N PRO A 658 19.30 30.98 14.06
CA PRO A 658 19.56 30.29 12.78
C PRO A 658 18.55 30.69 11.71
N GLU A 659 19.05 30.84 10.49
CA GLU A 659 18.21 31.26 9.39
C GLU A 659 17.49 30.07 8.77
N VAL A 660 16.45 30.38 7.99
CA VAL A 660 15.68 29.33 7.34
C VAL A 660 16.48 28.73 6.19
N THR A 661 16.60 27.41 6.18
CA THR A 661 17.29 26.69 5.12
C THR A 661 16.34 25.70 4.47
N TRP A 662 16.51 25.49 3.17
CA TRP A 662 15.64 24.63 2.38
C TRP A 662 16.45 23.57 1.65
N GLY A 663 17.34 22.89 2.39
CA GLY A 663 18.19 21.90 1.83
C GLY A 663 17.42 20.64 1.45
N PRO A 664 18.15 19.62 0.99
CA PRO A 664 17.51 18.39 0.52
C PRO A 664 16.98 17.52 1.66
N GLU A 665 17.03 18.02 2.89
CA GLU A 665 16.45 17.29 4.01
C GLU A 665 15.02 17.71 4.31
N ASP A 666 14.65 18.96 4.00
CA ASP A 666 13.27 19.40 4.16
C ASP A 666 12.34 18.65 3.21
N GLU A 667 12.78 18.44 1.98
CA GLU A 667 12.06 17.58 1.06
C GLU A 667 12.13 16.13 1.56
N GLU A 668 11.10 15.36 1.21
CA GLU A 668 10.99 13.97 1.64
C GLU A 668 11.01 13.84 3.16
N LEU A 669 10.45 14.83 3.86
CA LEU A 669 10.42 14.79 5.32
C LEU A 669 9.40 13.80 5.85
N TRP A 670 8.45 13.37 5.01
CA TRP A 670 7.41 12.45 5.46
C TRP A 670 8.00 11.09 5.84
N ARG A 671 9.12 10.71 5.24
CA ARG A 671 9.70 9.41 5.54
C ARG A 671 10.37 9.36 6.91
N ARG A 672 10.53 10.50 7.58
CA ARG A 672 11.03 10.53 8.94
C ARG A 672 9.91 10.49 9.97
N LEU A 673 8.66 10.37 9.54
CA LEU A 673 7.53 10.19 10.44
C LEU A 673 7.47 8.75 10.94
N SER A 674 6.55 8.51 11.88
CA SER A 674 6.31 7.16 12.34
C SER A 674 5.76 6.31 11.21
N PHE A 675 6.15 5.02 11.21
CA PHE A 675 5.72 4.12 10.15
C PHE A 675 4.23 3.85 10.16
N ARG A 676 3.53 4.18 11.24
CA ARG A 676 2.08 4.03 11.34
C ARG A 676 1.36 5.37 11.19
N HIS A 677 2.03 6.40 10.67
CA HIS A 677 1.44 7.73 10.59
C HIS A 677 0.19 7.73 9.72
N TRP A 678 0.35 7.45 8.43
CA TRP A 678 -0.78 7.50 7.51
C TRP A 678 -1.86 6.47 7.81
N PRO A 679 -1.55 5.20 8.09
CA PRO A 679 -2.63 4.27 8.44
C PRO A 679 -3.45 4.70 9.65
N THR A 680 -2.79 5.30 10.65
CA THR A 680 -3.53 5.78 11.82
C THR A 680 -4.48 6.91 11.45
N LEU A 681 -4.02 7.82 10.58
CA LEU A 681 -4.86 8.96 10.20
C LEU A 681 -6.09 8.51 9.44
N PHE A 682 -5.93 7.61 8.48
CA PHE A 682 -7.06 7.17 7.68
C PHE A 682 -7.99 6.23 8.44
N ASN A 683 -7.45 5.46 9.39
CA ASN A 683 -8.29 4.52 10.14
C ASN A 683 -9.31 5.25 10.98
N TYR A 684 -9.01 6.47 11.44
CA TYR A 684 -9.96 7.22 12.24
C TYR A 684 -11.24 7.50 11.49
N TYR A 685 -11.17 7.55 10.16
CA TYR A 685 -12.33 7.83 9.32
C TYR A 685 -12.85 6.59 8.61
N ASN A 686 -12.48 5.40 9.09
CA ASN A 686 -12.92 4.13 8.51
C ASN A 686 -12.50 4.03 7.05
N ILE A 687 -11.23 4.28 6.78
CA ILE A 687 -10.64 4.13 5.46
C ILE A 687 -9.43 3.23 5.58
N THR A 688 -9.37 2.20 4.75
CA THR A 688 -8.34 1.17 4.84
C THR A 688 -7.28 1.37 3.76
N LEU A 689 -6.03 1.06 4.14
CA LEU A 689 -4.90 1.08 3.22
C LEU A 689 -4.25 -0.29 3.09
N ALA A 690 -4.96 -1.34 3.51
CA ALA A 690 -4.35 -2.67 3.58
C ALA A 690 -3.98 -3.19 2.20
N LYS A 691 -4.84 -3.01 1.21
CA LYS A 691 -4.61 -3.53 -0.12
C LYS A 691 -4.30 -2.45 -1.15
N ARG A 692 -4.16 -1.19 -0.73
CA ARG A 692 -4.04 -0.09 -1.67
C ARG A 692 -2.80 0.75 -1.40
N TYR A 693 -2.69 1.88 -2.08
CA TYR A 693 -1.52 2.74 -1.98
C TYR A 693 -1.95 4.20 -2.01
N ILE A 694 -1.04 5.07 -1.58
CA ILE A 694 -1.26 6.51 -1.58
C ILE A 694 -0.13 7.17 -2.36
N SER A 695 -0.42 8.38 -2.85
CA SER A 695 0.54 9.17 -3.60
C SER A 695 0.86 10.45 -2.84
N LEU A 696 2.14 10.76 -2.74
CA LEU A 696 2.61 11.92 -1.97
C LEU A 696 3.16 12.95 -2.93
N LEU A 697 2.48 14.09 -3.03
CA LEU A 697 2.95 15.19 -3.85
C LEU A 697 4.14 15.88 -3.19
N PRO A 698 4.98 16.56 -3.98
CA PRO A 698 6.11 17.28 -3.39
C PRO A 698 5.65 18.38 -2.45
N VAL A 699 6.47 18.65 -1.43
CA VAL A 699 6.09 19.60 -0.39
C VAL A 699 6.15 21.03 -0.93
N ILE A 700 5.26 21.87 -0.42
CA ILE A 700 5.20 23.28 -0.80
C ILE A 700 5.84 24.09 0.33
N PRO A 701 6.98 24.74 0.10
CA PRO A 701 7.63 25.48 1.18
C PRO A 701 6.96 26.81 1.45
N VAL A 702 6.84 27.15 2.73
CA VAL A 702 6.33 28.44 3.18
C VAL A 702 7.26 28.95 4.27
N THR A 703 7.73 30.19 4.12
CA THR A 703 8.66 30.80 5.06
C THR A 703 8.02 32.05 5.65
N LEU A 704 8.06 32.15 6.98
CA LEU A 704 7.50 33.29 7.69
C LEU A 704 8.62 34.04 8.40
N ARG A 705 8.56 35.37 8.32
CA ARG A 705 9.47 36.25 9.04
C ARG A 705 8.70 36.89 10.20
N LEU A 706 9.28 36.84 11.39
CA LEU A 706 8.59 37.24 12.60
C LEU A 706 9.35 38.34 13.32
N ASN A 707 8.60 39.18 14.03
CA ASN A 707 9.14 40.32 14.75
C ASN A 707 9.19 40.01 16.23
N PRO A 708 10.36 40.04 16.88
CA PRO A 708 10.42 39.81 18.32
C PRO A 708 9.59 40.80 19.12
N GLN A 709 9.43 42.03 18.62
CA GLN A 709 8.57 43.00 19.29
C GLN A 709 7.12 42.55 19.35
N GLU A 710 6.70 41.70 18.41
CA GLU A 710 5.33 41.19 18.44
C GLU A 710 5.08 40.34 19.68
N ALA A 711 6.06 39.51 20.06
CA ALA A 711 5.89 38.68 21.25
C ALA A 711 5.84 39.53 22.52
N LEU A 712 6.68 40.57 22.58
CA LEU A 712 6.68 41.43 23.77
C LEU A 712 5.35 42.16 23.91
N GLU A 713 4.80 42.66 22.80
CA GLU A 713 3.53 43.37 22.86
C GLU A 713 2.40 42.44 23.30
N GLY A 714 2.41 41.20 22.83
CA GLY A 714 1.37 40.24 23.17
C GLY A 714 1.71 39.39 24.37
N ARG A 715 2.67 39.85 25.18
CA ARG A 715 3.10 39.11 26.36
C ARG A 715 1.98 39.12 27.41
N GLN A 716 1.34 37.97 27.57
CA GLN A 716 0.32 37.82 28.60
C GLN A 716 0.97 37.56 29.95
N PRO A 717 0.27 37.87 31.05
CA PRO A 717 0.78 37.50 32.37
C PRO A 717 0.85 35.99 32.52
N GLN A 718 1.55 35.56 33.58
CA GLN A 718 1.75 34.16 33.94
C GLN A 718 2.12 33.29 32.72
N ASP A 719 2.80 33.89 31.74
CA ASP A 719 3.24 33.15 30.56
C ASP A 719 4.46 32.27 30.84
N GLY A 720 5.15 32.49 31.95
CA GLY A 720 6.36 31.75 32.25
C GLY A 720 6.16 30.40 32.90
N ARG A 721 4.91 29.98 33.13
CA ARG A 721 4.63 28.71 33.77
C ARG A 721 3.59 27.94 32.96
N SER A 722 3.72 26.62 32.99
CA SER A 722 2.75 25.74 32.35
C SER A 722 2.73 24.41 33.08
N ALA A 723 1.58 23.75 33.06
CA ALA A 723 1.46 22.46 33.72
C ALA A 723 2.33 21.41 33.05
N TRP A 724 2.44 21.48 31.73
CA TRP A 724 3.24 20.50 30.99
C TRP A 724 4.72 20.66 31.30
N ALA A 725 5.42 19.52 31.39
CA ALA A 725 6.86 19.50 31.61
C ALA A 725 7.40 18.35 30.77
N PRO A 726 8.47 18.57 30.00
CA PRO A 726 9.01 17.51 29.15
C PRO A 726 9.44 16.31 29.97
N PRO A 727 8.82 15.16 29.76
CA PRO A 727 9.14 13.98 30.58
C PRO A 727 10.40 13.28 30.10
N GLU A 728 11.25 12.91 31.05
CA GLU A 728 12.47 12.14 30.79
C GLU A 728 13.38 12.85 29.77
N SER A 729 13.46 14.16 29.88
CA SER A 729 14.31 14.95 28.99
C SER A 729 14.67 16.29 29.62
N VAL B 21 -3.49 -48.22 45.12
CA VAL B 21 -2.83 -49.52 45.08
C VAL B 21 -2.91 -50.11 43.67
N THR B 22 -4.11 -50.09 43.10
CA THR B 22 -4.30 -50.63 41.76
C THR B 22 -3.75 -49.68 40.71
N SER B 23 -3.30 -50.25 39.59
CA SER B 23 -2.73 -49.45 38.51
C SER B 23 -3.80 -48.63 37.80
N GLN B 24 -5.03 -49.13 37.74
CA GLN B 24 -6.10 -48.42 37.04
C GLN B 24 -6.32 -47.04 37.65
N SER B 25 -6.41 -46.97 38.98
CA SER B 25 -6.68 -45.70 39.64
C SER B 25 -5.53 -44.71 39.44
N VAL B 26 -4.29 -45.18 39.51
CA VAL B 26 -3.14 -44.28 39.38
C VAL B 26 -2.82 -43.94 37.94
N ASN B 27 -3.43 -44.61 36.97
CA ASN B 27 -3.19 -44.29 35.57
C ASN B 27 -4.34 -43.55 34.90
N VAL B 28 -5.59 -43.77 35.34
CA VAL B 28 -6.73 -43.11 34.70
C VAL B 28 -6.66 -41.61 34.92
N VAL B 29 -6.24 -41.17 36.11
CA VAL B 29 -6.17 -39.74 36.39
C VAL B 29 -5.07 -39.09 35.55
N ILE B 30 -3.94 -39.77 35.39
CA ILE B 30 -2.86 -39.21 34.57
C ILE B 30 -3.32 -39.09 33.12
N ARG B 31 -3.95 -40.14 32.60
CA ARG B 31 -4.45 -40.07 31.23
C ARG B 31 -5.47 -38.95 31.06
N GLY B 32 -6.38 -38.83 32.04
CA GLY B 32 -7.40 -37.79 31.95
C GLY B 32 -6.82 -36.39 31.97
N VAL B 33 -5.86 -36.14 32.86
CA VAL B 33 -5.31 -34.78 32.96
C VAL B 33 -4.47 -34.44 31.74
N VAL B 34 -3.69 -35.41 31.24
CA VAL B 34 -2.90 -35.14 30.04
C VAL B 34 -3.82 -34.88 28.84
N LEU B 35 -4.89 -35.67 28.71
CA LEU B 35 -5.82 -35.48 27.60
C LEU B 35 -6.57 -34.16 27.74
N PHE B 36 -6.91 -33.76 28.97
CA PHE B 36 -7.56 -32.47 29.18
C PHE B 36 -6.65 -31.33 28.77
N PHE B 37 -5.38 -31.39 29.16
CA PHE B 37 -4.44 -30.34 28.76
C PHE B 37 -4.29 -30.30 27.24
N ILE B 38 -4.16 -31.46 26.61
CA ILE B 38 -4.02 -31.50 25.15
C ILE B 38 -5.25 -30.92 24.48
N GLY B 39 -6.44 -31.28 24.96
CA GLY B 39 -7.66 -30.78 24.37
C GLY B 39 -7.82 -29.29 24.52
N VAL B 40 -7.51 -28.76 25.71
CA VAL B 40 -7.68 -27.32 25.91
C VAL B 40 -6.67 -26.54 25.08
N PHE B 41 -5.43 -27.04 24.98
CA PHE B 41 -4.45 -26.37 24.13
C PHE B 41 -4.86 -26.40 22.66
N LEU B 42 -5.34 -27.56 22.20
CA LEU B 42 -5.76 -27.67 20.81
C LEU B 42 -6.93 -26.76 20.52
N ALA B 43 -7.90 -26.68 21.43
CA ALA B 43 -9.04 -25.79 21.22
C ALA B 43 -8.62 -24.33 21.26
N LEU B 44 -7.66 -23.99 22.11
CA LEU B 44 -7.14 -22.62 22.13
C LEU B 44 -6.52 -22.25 20.80
N VAL B 45 -5.74 -23.18 20.21
CA VAL B 45 -5.16 -22.92 18.90
C VAL B 45 -6.25 -22.83 17.83
N LEU B 46 -7.21 -23.75 17.86
CA LEU B 46 -8.23 -23.80 16.82
C LEU B 46 -9.15 -22.58 16.87
N ASN B 47 -9.34 -22.00 18.06
CA ASN B 47 -10.15 -20.80 18.15
C ASN B 47 -9.55 -19.67 17.33
N LEU B 48 -8.24 -19.44 17.47
CA LEU B 48 -7.57 -18.47 16.63
C LEU B 48 -7.62 -18.88 15.16
N LEU B 49 -7.39 -20.17 14.89
CA LEU B 49 -7.36 -20.64 13.50
C LEU B 49 -8.67 -20.37 12.79
N GLN B 50 -9.80 -20.51 13.49
CA GLN B 50 -11.11 -20.31 12.88
C GLN B 50 -11.66 -18.91 13.03
N ILE B 51 -11.10 -18.09 13.94
CA ILE B 51 -11.60 -16.74 14.14
C ILE B 51 -10.83 -15.72 13.31
N GLN B 52 -9.56 -15.99 13.00
CA GLN B 52 -8.71 -15.01 12.34
C GLN B 52 -9.02 -14.85 10.85
N ARG B 53 -10.17 -15.32 10.38
CA ARG B 53 -10.55 -15.08 8.99
C ARG B 53 -10.71 -13.59 8.71
N ASN B 54 -11.04 -12.80 9.72
CA ASN B 54 -11.11 -11.36 9.60
C ASN B 54 -10.54 -10.73 10.87
N VAL B 55 -9.89 -9.57 10.70
CA VAL B 55 -9.24 -8.88 11.81
C VAL B 55 -9.67 -7.42 11.79
N THR B 56 -9.76 -6.83 12.99
CA THR B 56 -10.05 -5.42 13.11
C THR B 56 -8.87 -4.59 12.58
N LEU B 57 -9.16 -3.34 12.24
CA LEU B 57 -8.13 -2.46 11.68
C LEU B 57 -6.92 -2.33 12.59
N PHE B 58 -7.13 -2.42 13.91
CA PHE B 58 -6.02 -2.41 14.86
C PHE B 58 -5.77 -3.83 15.34
N PRO B 59 -4.64 -4.45 15.00
CA PRO B 59 -4.41 -5.83 15.41
C PRO B 59 -4.24 -5.92 16.93
N PRO B 60 -4.70 -7.01 17.54
CA PRO B 60 -4.54 -7.16 18.99
C PRO B 60 -3.18 -7.76 19.36
N ASP B 61 -2.97 -8.03 20.64
CA ASP B 61 -1.72 -8.59 21.13
C ASP B 61 -1.82 -10.10 21.28
N VAL B 62 -0.68 -10.72 21.61
CA VAL B 62 -0.64 -12.16 21.77
C VAL B 62 -1.43 -12.59 23.01
N VAL B 63 -1.42 -11.78 24.07
CA VAL B 63 -2.01 -12.18 25.34
C VAL B 63 -3.53 -12.37 25.20
N THR B 64 -4.18 -11.56 24.37
CA THR B 64 -5.63 -11.63 24.24
C THR B 64 -6.10 -12.92 23.59
N SER B 65 -5.19 -13.72 23.02
CA SER B 65 -5.59 -14.99 22.39
C SER B 65 -6.20 -15.96 23.40
N ILE B 66 -5.85 -15.83 24.68
CA ILE B 66 -6.43 -16.69 25.71
C ILE B 66 -7.84 -16.22 26.01
N PHE B 67 -8.78 -17.16 26.02
CA PHE B 67 -10.21 -16.87 26.21
C PHE B 67 -10.67 -15.83 25.20
N SER B 68 -10.30 -16.04 23.93
CA SER B 68 -10.51 -15.03 22.90
C SER B 68 -11.99 -14.89 22.55
N SER B 69 -12.69 -16.00 22.35
CA SER B 69 -14.05 -15.98 21.82
C SER B 69 -15.09 -16.26 22.88
N ALA B 70 -15.02 -17.40 23.56
CA ALA B 70 -16.04 -17.82 24.50
C ALA B 70 -15.47 -17.91 25.91
N TRP B 71 -16.33 -17.68 26.90
CA TRP B 71 -15.88 -17.62 28.29
C TRP B 71 -15.63 -19.01 28.87
N TRP B 72 -16.43 -20.01 28.48
CA TRP B 72 -16.37 -21.31 29.14
C TRP B 72 -16.21 -22.48 28.18
N VAL B 73 -15.89 -22.24 26.91
CA VAL B 73 -15.72 -23.35 25.97
C VAL B 73 -14.40 -24.09 26.20
N PRO B 74 -13.28 -23.46 26.61
CA PRO B 74 -12.04 -24.24 26.79
C PRO B 74 -12.18 -25.35 27.83
N PRO B 75 -12.67 -25.06 29.05
CA PRO B 75 -12.73 -26.17 30.02
C PRO B 75 -13.76 -27.23 29.66
N CYS B 76 -14.90 -26.85 29.11
CA CYS B 76 -15.91 -27.83 28.72
C CYS B 76 -15.38 -28.74 27.61
N CYS B 77 -14.77 -28.16 26.58
CA CYS B 77 -14.22 -28.98 25.52
C CYS B 77 -13.05 -29.83 26.02
N GLY B 78 -12.24 -29.32 26.93
CA GLY B 78 -11.14 -30.10 27.46
C GLY B 78 -11.63 -31.31 28.25
N THR B 79 -12.63 -31.11 29.11
CA THR B 79 -13.16 -32.24 29.87
C THR B 79 -13.91 -33.21 28.96
N ALA B 80 -14.56 -32.71 27.90
CA ALA B 80 -15.17 -33.61 26.94
C ALA B 80 -14.11 -34.45 26.23
N SER B 81 -12.99 -33.83 25.86
CA SER B 81 -11.90 -34.58 25.24
C SER B 81 -11.34 -35.63 26.20
N ALA B 82 -11.17 -35.26 27.47
CA ALA B 82 -10.65 -36.21 28.44
C ALA B 82 -11.60 -37.40 28.61
N VAL B 83 -12.90 -37.13 28.74
CA VAL B 83 -13.85 -38.22 28.97
C VAL B 83 -13.97 -39.10 27.74
N ILE B 84 -13.94 -38.51 26.53
CA ILE B 84 -14.04 -39.32 25.32
C ILE B 84 -12.78 -40.15 25.14
N GLY B 85 -11.61 -39.58 25.44
CA GLY B 85 -10.36 -40.31 25.29
C GLY B 85 -10.06 -41.28 26.40
N LEU B 86 -10.86 -41.25 27.47
CA LEU B 86 -10.79 -42.34 28.45
C LEU B 86 -11.86 -43.40 28.19
N LEU B 87 -13.02 -43.03 27.64
CA LEU B 87 -14.06 -44.00 27.36
C LEU B 87 -13.74 -44.83 26.13
N TYR B 88 -13.22 -44.19 25.09
CA TYR B 88 -12.95 -44.91 23.84
C TYR B 88 -11.97 -46.07 24.02
N PRO B 89 -10.86 -45.94 24.77
CA PRO B 89 -10.00 -47.12 25.01
C PRO B 89 -10.58 -48.13 25.97
N CYS B 90 -11.81 -47.96 26.45
CA CYS B 90 -12.43 -48.90 27.37
C CYS B 90 -13.50 -49.77 26.73
N ILE B 91 -14.21 -49.25 25.72
CA ILE B 91 -15.27 -50.04 25.09
C ILE B 91 -14.69 -51.24 24.36
N ASP B 92 -13.54 -51.06 23.70
CA ASP B 92 -12.91 -52.18 23.02
C ASP B 92 -12.45 -53.25 24.01
N ARG B 93 -11.87 -52.83 25.14
CA ARG B 93 -11.44 -53.80 26.15
C ARG B 93 -12.64 -54.52 26.75
N HIS B 94 -13.75 -53.81 26.94
CA HIS B 94 -14.98 -54.47 27.37
C HIS B 94 -15.44 -55.50 26.34
N LEU B 95 -15.36 -55.15 25.06
CA LEU B 95 -15.69 -56.10 24.01
C LEU B 95 -14.57 -57.11 23.79
N GLY B 96 -13.32 -56.68 23.93
CA GLY B 96 -12.16 -57.51 23.68
C GLY B 96 -11.45 -57.10 22.40
N GLU B 97 -10.33 -57.79 22.15
CA GLU B 97 -9.50 -57.56 20.96
C GLU B 97 -9.10 -56.09 20.83
N PRO B 98 -8.17 -55.61 21.66
CA PRO B 98 -7.77 -54.20 21.59
C PRO B 98 -7.17 -53.83 20.23
N HIS B 99 -6.98 -52.53 20.05
CA HIS B 99 -6.53 -51.99 18.76
C HIS B 99 -5.08 -52.36 18.49
N LYS B 100 -4.82 -52.80 17.26
CA LYS B 100 -3.47 -53.15 16.83
C LYS B 100 -3.11 -52.61 15.45
N PHE B 101 -3.99 -51.87 14.79
CA PHE B 101 -3.76 -51.49 13.40
C PHE B 101 -2.69 -50.41 13.29
N LYS B 102 -2.70 -49.43 14.19
CA LYS B 102 -1.84 -48.26 14.13
C LYS B 102 -1.18 -48.00 15.48
N ARG B 103 -0.57 -49.05 16.04
CA ARG B 103 0.02 -48.97 17.38
C ARG B 103 1.03 -47.82 17.50
N GLU B 104 1.72 -47.48 16.40
CA GLU B 104 2.72 -46.43 16.45
C GLU B 104 2.09 -45.07 16.73
N TRP B 105 2.76 -44.29 17.57
CA TRP B 105 2.31 -42.95 17.94
C TRP B 105 2.49 -41.93 16.83
N SER B 106 3.34 -42.22 15.84
CA SER B 106 3.45 -41.35 14.68
C SER B 106 2.14 -41.29 13.91
N SER B 107 1.39 -42.39 13.90
CA SER B 107 0.05 -42.35 13.31
C SER B 107 -0.85 -41.38 14.06
N VAL B 108 -0.72 -41.33 15.39
CA VAL B 108 -1.50 -40.37 16.18
C VAL B 108 -1.08 -38.95 15.87
N MET B 109 0.21 -38.71 15.69
CA MET B 109 0.66 -37.38 15.27
C MET B 109 0.09 -37.02 13.91
N ARG B 110 0.03 -37.99 13.00
CA ARG B 110 -0.62 -37.77 11.71
C ARG B 110 -2.09 -37.42 11.90
N CYS B 111 -2.76 -38.10 12.83
CA CYS B 111 -4.16 -37.82 13.13
C CYS B 111 -4.34 -36.37 13.56
N VAL B 112 -3.54 -35.92 14.52
CA VAL B 112 -3.72 -34.56 15.03
C VAL B 112 -3.35 -33.53 13.97
N ALA B 113 -2.34 -33.83 13.15
CA ALA B 113 -2.00 -32.94 12.05
C ALA B 113 -3.14 -32.80 11.06
N VAL B 114 -3.77 -33.93 10.71
CA VAL B 114 -4.90 -33.88 9.79
C VAL B 114 -6.08 -33.14 10.43
N PHE B 115 -6.26 -33.30 11.73
CA PHE B 115 -7.35 -32.61 12.41
C PHE B 115 -7.17 -31.10 12.35
N VAL B 116 -5.96 -30.61 12.69
CA VAL B 116 -5.72 -29.19 12.64
C VAL B 116 -5.77 -28.69 11.20
N GLY B 117 -5.34 -29.50 10.23
CA GLY B 117 -5.46 -29.11 8.84
C GLY B 117 -6.90 -28.99 8.38
N ILE B 118 -7.75 -29.90 8.83
CA ILE B 118 -9.17 -29.81 8.50
C ILE B 118 -9.78 -28.56 9.10
N ASN B 119 -9.43 -28.24 10.34
CA ASN B 119 -9.92 -27.01 10.95
C ASN B 119 -9.45 -25.78 10.16
N HIS B 120 -8.19 -25.78 9.73
CA HIS B 120 -7.66 -24.69 8.93
C HIS B 120 -8.44 -24.55 7.62
N ALA B 121 -8.70 -25.69 6.96
CA ALA B 121 -9.43 -25.66 5.69
C ALA B 121 -10.83 -25.11 5.90
N SER B 122 -11.58 -25.68 6.86
CA SER B 122 -12.93 -25.20 7.13
C SER B 122 -12.92 -23.72 7.52
N ALA B 123 -11.79 -23.24 8.06
CA ALA B 123 -11.67 -21.81 8.32
C ALA B 123 -11.50 -21.02 7.03
N LYS B 124 -10.74 -21.54 6.06
CA LYS B 124 -10.41 -20.75 4.88
C LYS B 124 -10.56 -21.55 3.59
N VAL B 125 -11.63 -22.34 3.47
CA VAL B 125 -12.05 -22.86 2.18
C VAL B 125 -13.56 -22.65 2.04
N ASP B 126 -14.00 -22.49 0.80
CA ASP B 126 -15.41 -22.26 0.49
C ASP B 126 -15.81 -23.14 -0.68
N PHE B 127 -16.88 -23.90 -0.50
CA PHE B 127 -17.47 -24.72 -1.55
C PHE B 127 -18.97 -24.44 -1.62
N ASP B 128 -19.67 -25.25 -2.41
CA ASP B 128 -21.13 -25.12 -2.48
C ASP B 128 -21.73 -25.54 -1.15
N ASN B 129 -22.40 -24.59 -0.48
CA ASN B 129 -22.98 -24.87 0.82
C ASN B 129 -24.10 -25.90 0.77
N ASN B 130 -24.60 -26.21 -0.42
CA ASN B 130 -25.62 -27.22 -0.62
C ASN B 130 -25.11 -28.28 -1.60
N PHE B 131 -25.39 -29.55 -1.28
CA PHE B 131 -25.12 -30.72 -2.10
C PHE B 131 -23.64 -31.04 -2.26
N GLN B 132 -22.74 -30.27 -1.64
CA GLN B 132 -21.31 -30.58 -1.69
C GLN B 132 -20.71 -30.94 -0.34
N PHE B 133 -21.20 -30.34 0.75
CA PHE B 133 -20.67 -30.70 2.07
C PHE B 133 -20.93 -32.17 2.39
N SER B 134 -22.15 -32.64 2.11
CA SER B 134 -22.51 -34.02 2.39
C SER B 134 -21.63 -35.01 1.65
N LEU B 135 -20.98 -34.58 0.57
CA LEU B 135 -20.04 -35.44 -0.16
C LEU B 135 -18.63 -35.28 0.40
N THR B 136 -18.11 -34.05 0.39
CA THR B 136 -16.71 -33.83 0.74
C THR B 136 -16.42 -34.20 2.19
N LEU B 137 -17.23 -33.66 3.12
CA LEU B 137 -16.98 -33.91 4.54
C LEU B 137 -17.10 -35.39 4.88
N ALA B 138 -18.15 -36.04 4.37
CA ALA B 138 -18.33 -37.46 4.64
C ALA B 138 -17.20 -38.29 4.06
N ALA B 139 -16.78 -37.97 2.83
CA ALA B 139 -15.70 -38.73 2.21
C ALA B 139 -14.41 -38.59 3.00
N LEU B 140 -14.06 -37.36 3.39
CA LEU B 140 -12.81 -37.18 4.12
C LEU B 140 -12.88 -37.82 5.50
N SER B 141 -14.04 -37.75 6.16
CA SER B 141 -14.18 -38.36 7.48
C SER B 141 -14.04 -39.87 7.42
N VAL B 142 -14.73 -40.52 6.47
CA VAL B 142 -14.61 -41.97 6.37
C VAL B 142 -13.21 -42.37 5.93
N GLY B 143 -12.57 -41.57 5.07
CA GLY B 143 -11.20 -41.85 4.71
C GLY B 143 -10.26 -41.82 5.89
N LEU B 144 -10.42 -40.79 6.75
CA LEU B 144 -9.64 -40.75 7.98
C LEU B 144 -9.92 -41.95 8.85
N TRP B 145 -11.20 -42.34 8.95
CA TRP B 145 -11.54 -43.50 9.77
C TRP B 145 -10.79 -44.74 9.32
N TRP B 146 -10.90 -45.09 8.04
CA TRP B 146 -10.26 -46.35 7.64
C TRP B 146 -8.75 -46.20 7.47
N THR B 147 -8.24 -44.97 7.40
CA THR B 147 -6.80 -44.78 7.38
C THR B 147 -6.19 -44.96 8.76
N PHE B 148 -6.87 -44.49 9.81
CA PHE B 148 -6.27 -44.42 11.13
C PHE B 148 -6.73 -45.55 12.06
N ASP B 149 -8.00 -45.93 12.03
CA ASP B 149 -8.50 -46.98 12.91
C ASP B 149 -9.69 -47.64 12.22
N ARG B 150 -9.46 -48.85 11.69
CA ARG B 150 -10.50 -49.60 11.00
C ARG B 150 -11.52 -50.22 11.93
N SER B 151 -11.51 -49.88 13.23
CA SER B 151 -12.45 -50.46 14.18
C SER B 151 -13.89 -50.16 13.77
N ARG B 152 -14.63 -51.20 13.37
CA ARG B 152 -16.04 -51.01 13.03
C ARG B 152 -16.83 -50.56 14.26
N SER B 153 -16.53 -51.15 15.42
CA SER B 153 -17.13 -50.66 16.66
C SER B 153 -16.71 -49.23 16.93
N GLY B 154 -15.47 -48.87 16.59
CA GLY B 154 -15.05 -47.48 16.71
C GLY B 154 -15.85 -46.56 15.81
N PHE B 155 -16.11 -47.00 14.57
CA PHE B 155 -16.93 -46.19 13.67
C PHE B 155 -18.34 -46.03 14.20
N GLY B 156 -18.93 -47.11 14.72
CA GLY B 156 -20.25 -47.02 15.31
C GLY B 156 -20.29 -46.08 16.50
N LEU B 157 -19.27 -46.16 17.36
CA LEU B 157 -19.19 -45.24 18.50
C LEU B 157 -19.08 -43.81 18.04
N GLY B 158 -18.23 -43.54 17.04
CA GLY B 158 -18.09 -42.19 16.55
C GLY B 158 -19.37 -41.64 15.96
N VAL B 159 -20.06 -42.46 15.15
CA VAL B 159 -21.32 -42.03 14.56
C VAL B 159 -22.36 -41.78 15.65
N GLY B 160 -22.44 -42.66 16.64
CA GLY B 160 -23.43 -42.52 17.69
C GLY B 160 -23.14 -41.40 18.67
N ILE B 161 -21.90 -40.94 18.73
CA ILE B 161 -21.59 -39.82 19.64
C ILE B 161 -21.65 -38.49 18.91
N ALA B 162 -21.20 -38.42 17.66
CA ALA B 162 -20.98 -37.13 17.00
C ALA B 162 -22.28 -36.32 16.86
N PHE B 163 -23.21 -36.83 16.07
CA PHE B 163 -24.44 -36.09 15.83
C PHE B 163 -25.30 -36.03 17.09
N LEU B 164 -25.24 -37.06 17.94
CA LEU B 164 -26.03 -37.05 19.16
C LEU B 164 -25.59 -35.94 20.10
N ALA B 165 -24.27 -35.71 20.20
CA ALA B 165 -23.80 -34.60 21.03
C ALA B 165 -23.99 -33.26 20.33
N THR B 166 -23.95 -33.24 18.99
CA THR B 166 -24.09 -31.98 18.28
C THR B 166 -25.53 -31.46 18.34
N VAL B 167 -26.52 -32.36 18.26
CA VAL B 167 -27.90 -31.93 18.05
C VAL B 167 -28.44 -31.20 19.27
N VAL B 168 -28.06 -31.63 20.48
CA VAL B 168 -28.58 -30.99 21.68
C VAL B 168 -28.13 -29.54 21.78
N THR B 169 -26.85 -29.29 21.52
CA THR B 169 -26.35 -27.92 21.54
C THR B 169 -26.87 -27.11 20.36
N GLN B 170 -27.08 -27.76 19.22
CA GLN B 170 -27.65 -27.06 18.08
C GLN B 170 -29.07 -26.58 18.38
N LEU B 171 -29.88 -27.44 18.99
CA LEU B 171 -31.21 -27.03 19.42
C LEU B 171 -31.14 -25.95 20.48
N LEU B 172 -30.18 -26.06 21.41
CA LEU B 172 -30.03 -25.04 22.45
C LEU B 172 -29.72 -23.68 21.86
N VAL B 173 -28.82 -23.62 20.88
CA VAL B 173 -28.49 -22.32 20.28
C VAL B 173 -29.55 -21.87 19.28
N TYR B 174 -30.35 -22.79 18.73
CA TYR B 174 -31.44 -22.40 17.86
C TYR B 174 -32.63 -21.86 18.63
N ASN B 175 -32.80 -22.27 19.89
CA ASN B 175 -33.95 -21.80 20.67
C ASN B 175 -33.96 -20.30 20.84
N GLY B 176 -32.78 -19.66 20.84
CA GLY B 176 -32.66 -18.23 20.91
C GLY B 176 -32.30 -17.69 22.28
N VAL B 177 -32.52 -18.45 23.34
CA VAL B 177 -32.14 -17.99 24.68
C VAL B 177 -30.62 -17.90 24.80
N TYR B 178 -29.91 -18.88 24.27
CA TYR B 178 -28.45 -18.91 24.30
C TYR B 178 -27.89 -18.88 22.88
N GLN B 179 -28.55 -18.13 21.99
CA GLN B 179 -28.15 -18.05 20.59
C GLN B 179 -26.92 -17.15 20.47
N TYR B 180 -25.76 -17.76 20.65
CA TYR B 180 -24.50 -17.05 20.50
C TYR B 180 -23.88 -17.19 19.12
N THR B 181 -24.49 -18.00 18.24
CA THR B 181 -23.98 -18.20 16.89
C THR B 181 -25.09 -17.90 15.89
N SER B 182 -24.82 -16.99 14.96
CA SER B 182 -25.74 -16.65 13.89
C SER B 182 -25.69 -17.60 12.69
N PRO B 183 -24.52 -17.95 12.15
CA PRO B 183 -24.51 -18.66 10.86
C PRO B 183 -24.95 -20.12 10.94
N ASP B 184 -25.17 -20.66 12.13
CA ASP B 184 -25.52 -22.08 12.26
C ASP B 184 -27.03 -22.28 12.17
N PHE B 185 -27.79 -21.67 13.07
CA PHE B 185 -29.24 -21.79 13.12
C PHE B 185 -29.69 -23.24 13.18
N LEU B 186 -30.25 -23.74 12.07
CA LEU B 186 -30.75 -25.11 12.04
C LEU B 186 -29.59 -26.11 11.99
N TYR B 187 -29.82 -27.27 12.61
CA TYR B 187 -28.83 -28.33 12.59
C TYR B 187 -28.79 -29.02 11.23
N VAL B 188 -27.70 -29.75 11.00
CA VAL B 188 -27.44 -30.43 9.73
C VAL B 188 -27.49 -29.40 8.61
N ARG B 189 -26.91 -28.23 8.87
CA ARG B 189 -26.81 -27.18 7.85
C ARG B 189 -25.47 -26.48 7.92
N SER B 190 -24.43 -27.19 8.33
CA SER B 190 -23.09 -26.61 8.43
C SER B 190 -22.07 -27.75 8.37
N TRP B 191 -20.80 -27.37 8.47
CA TRP B 191 -19.69 -28.31 8.40
C TRP B 191 -19.24 -28.81 9.76
N LEU B 192 -19.88 -28.36 10.84
CA LEU B 192 -19.45 -28.73 12.18
C LEU B 192 -19.48 -30.24 12.46
N PRO B 193 -20.48 -31.01 12.03
CA PRO B 193 -20.47 -32.45 12.38
C PRO B 193 -19.23 -33.20 11.90
N CYS B 194 -18.73 -32.87 10.71
CA CYS B 194 -17.53 -33.54 10.22
C CYS B 194 -16.33 -33.23 11.10
N ILE B 195 -16.15 -31.97 11.47
CA ILE B 195 -15.04 -31.60 12.35
C ILE B 195 -15.20 -32.26 13.71
N PHE B 196 -16.43 -32.38 14.19
CA PHE B 196 -16.67 -32.98 15.49
C PHE B 196 -16.34 -34.47 15.47
N PHE B 197 -16.71 -35.15 14.37
CA PHE B 197 -16.34 -36.56 14.22
C PHE B 197 -14.82 -36.73 14.10
N ALA B 198 -14.16 -35.84 13.37
CA ALA B 198 -12.71 -35.91 13.25
C ALA B 198 -12.04 -35.74 14.61
N GLY B 199 -12.53 -34.78 15.41
CA GLY B 199 -12.02 -34.64 16.76
C GLY B 199 -12.28 -35.87 17.60
N GLY B 200 -13.47 -36.47 17.43
CA GLY B 200 -13.79 -37.69 18.16
C GLY B 200 -12.88 -38.85 17.82
N ILE B 201 -12.43 -38.93 16.56
CA ILE B 201 -11.51 -40.00 16.20
C ILE B 201 -10.05 -39.67 16.52
N THR B 202 -9.70 -38.39 16.63
CA THR B 202 -8.34 -38.04 17.02
C THR B 202 -8.15 -38.24 18.53
N MET B 203 -8.99 -37.60 19.33
CA MET B 203 -9.09 -37.96 20.74
C MET B 203 -9.62 -39.39 20.85
N GLY B 204 -9.32 -40.03 21.96
CA GLY B 204 -9.63 -41.46 22.03
C GLY B 204 -8.54 -42.28 21.40
N ASN B 205 -8.18 -41.99 20.14
CA ASN B 205 -6.99 -42.59 19.57
C ASN B 205 -5.75 -42.17 20.34
N ILE B 206 -5.64 -40.87 20.66
CA ILE B 206 -4.53 -40.41 21.48
C ILE B 206 -4.53 -41.13 22.82
N GLY B 207 -5.71 -41.25 23.44
CA GLY B 207 -5.79 -41.86 24.75
C GLY B 207 -5.43 -43.34 24.74
N ARG B 208 -5.89 -44.07 23.72
CA ARG B 208 -5.56 -45.48 23.62
C ARG B 208 -4.07 -45.68 23.32
N GLN B 209 -3.47 -44.79 22.52
CA GLN B 209 -2.03 -44.90 22.31
C GLN B 209 -1.27 -44.67 23.62
N LEU B 210 -1.69 -43.68 24.41
CA LEU B 210 -1.04 -43.46 25.70
C LEU B 210 -1.24 -44.65 26.64
N ALA B 211 -2.45 -45.21 26.66
CA ALA B 211 -2.74 -46.34 27.53
C ALA B 211 -1.91 -47.56 27.15
N MET B 212 -1.77 -47.82 25.84
CA MET B 212 -0.93 -48.94 25.41
C MET B 212 0.54 -48.66 25.65
N TYR B 213 0.95 -47.38 25.61
CA TYR B 213 2.32 -47.04 25.97
C TYR B 213 2.59 -47.33 27.44
N GLU B 214 1.65 -47.00 28.31
CA GLU B 214 1.81 -47.26 29.74
C GLU B 214 0.64 -48.07 30.29
N GLU C 6 14.57 31.26 -26.12
CA GLU C 6 14.35 29.85 -26.41
C GLU C 6 12.92 29.57 -26.82
N VAL C 7 11.98 30.18 -26.10
CA VAL C 7 10.56 29.99 -26.36
C VAL C 7 10.09 31.12 -27.27
N GLN C 8 9.52 30.75 -28.42
CA GLN C 8 9.02 31.70 -29.39
C GLN C 8 7.62 31.30 -29.82
N LEU C 9 6.82 32.31 -30.18
CA LEU C 9 5.47 32.11 -30.70
C LEU C 9 5.40 32.81 -32.05
N GLN C 10 5.78 32.09 -33.10
CA GLN C 10 5.77 32.66 -34.44
C GLN C 10 4.35 32.81 -34.94
N GLN C 11 4.06 33.96 -35.53
CA GLN C 11 2.73 34.28 -36.05
C GLN C 11 2.76 34.38 -37.57
N SER C 12 1.57 34.45 -38.15
CA SER C 12 1.43 34.51 -39.60
C SER C 12 1.76 35.92 -40.09
N GLY C 13 1.57 36.16 -41.39
CA GLY C 13 1.88 37.45 -41.97
C GLY C 13 0.72 38.43 -41.89
N ALA C 14 0.98 39.63 -42.38
CA ALA C 14 -0.04 40.67 -42.44
C ALA C 14 -1.16 40.26 -43.39
N GLU C 15 -2.37 40.74 -43.10
CA GLU C 15 -3.56 40.33 -43.84
C GLU C 15 -4.34 41.56 -44.28
N LEU C 16 -4.99 41.44 -45.44
CA LEU C 16 -5.85 42.49 -45.98
C LEU C 16 -7.06 41.82 -46.59
N VAL C 17 -8.23 42.05 -46.00
CA VAL C 17 -9.46 41.37 -46.39
C VAL C 17 -10.59 42.39 -46.47
N ARG C 18 -11.42 42.28 -47.51
CA ARG C 18 -12.57 43.15 -47.65
C ARG C 18 -13.54 42.92 -46.50
N PRO C 19 -14.28 43.95 -46.08
CA PRO C 19 -15.20 43.78 -44.95
C PRO C 19 -16.30 42.77 -45.27
N GLY C 20 -16.74 42.07 -44.23
CA GLY C 20 -17.79 41.07 -44.35
C GLY C 20 -17.31 39.64 -44.46
N ALA C 21 -16.02 39.43 -44.72
CA ALA C 21 -15.47 38.09 -44.83
C ALA C 21 -14.95 37.64 -43.47
N SER C 22 -14.19 36.54 -43.45
CA SER C 22 -13.64 35.99 -42.22
C SER C 22 -12.14 35.77 -42.38
N VAL C 23 -11.40 35.96 -41.29
CA VAL C 23 -9.95 35.82 -41.28
C VAL C 23 -9.58 34.84 -40.18
N LYS C 24 -8.65 33.95 -40.48
CA LYS C 24 -8.20 32.92 -39.54
C LYS C 24 -6.69 33.10 -39.32
N LEU C 25 -6.33 33.89 -38.32
CA LEU C 25 -4.94 34.08 -37.97
C LEU C 25 -4.39 32.85 -37.24
N SER C 26 -3.08 32.64 -37.37
CA SER C 26 -2.44 31.44 -36.86
C SER C 26 -1.27 31.81 -35.96
N CYS C 27 -0.96 30.89 -35.03
CA CYS C 27 0.13 31.09 -34.08
C CYS C 27 0.82 29.76 -33.86
N THR C 28 2.08 29.67 -34.27
CA THR C 28 2.88 28.45 -34.10
C THR C 28 3.85 28.63 -32.94
N ALA C 29 3.86 27.67 -32.02
CA ALA C 29 4.69 27.73 -30.82
C ALA C 29 5.96 26.93 -31.04
N SER C 30 7.11 27.55 -30.75
CA SER C 30 8.40 26.91 -30.88
C SER C 30 9.12 26.98 -29.54
N GLY C 31 9.66 25.85 -29.10
CA GLY C 31 10.34 25.77 -27.83
C GLY C 31 9.53 25.13 -26.70
N PHE C 32 8.24 24.91 -26.91
CA PHE C 32 7.39 24.30 -25.90
C PHE C 32 6.17 23.70 -26.59
N LYS C 33 5.47 22.84 -25.85
CA LYS C 33 4.25 22.21 -26.33
C LYS C 33 3.06 22.97 -25.78
N ILE C 34 2.09 23.27 -26.67
CA ILE C 34 0.94 24.07 -26.27
C ILE C 34 0.01 23.36 -25.31
N LYS C 35 0.21 22.05 -25.08
CA LYS C 35 -0.60 21.36 -24.08
C LYS C 35 -0.31 21.88 -22.68
N ASP C 36 0.88 22.43 -22.45
CA ASP C 36 1.29 22.79 -21.09
C ASP C 36 0.62 24.06 -20.60
N ASP C 37 0.40 25.04 -21.47
CA ASP C 37 -0.09 26.35 -21.07
C ASP C 37 -1.23 26.79 -21.99
N TYR C 38 -2.00 27.75 -21.50
CA TYR C 38 -3.07 28.33 -22.30
C TYR C 38 -2.48 29.19 -23.41
N ILE C 39 -3.33 29.55 -24.38
CA ILE C 39 -2.95 30.45 -25.46
C ILE C 39 -3.95 31.59 -25.50
N HIS C 40 -3.44 32.82 -25.53
CA HIS C 40 -4.26 34.02 -25.48
C HIS C 40 -4.07 34.85 -26.73
N TRP C 41 -5.07 35.69 -27.02
CA TRP C 41 -5.03 36.61 -28.14
C TRP C 41 -5.36 38.00 -27.64
N VAL C 42 -4.54 38.98 -28.01
CA VAL C 42 -4.67 40.35 -27.54
C VAL C 42 -4.75 41.28 -28.75
N LYS C 43 -5.72 42.18 -28.73
CA LYS C 43 -5.93 43.13 -29.82
C LYS C 43 -5.48 44.52 -29.38
N GLN C 44 -4.67 45.17 -30.21
CA GLN C 44 -4.14 46.50 -29.91
C GLN C 44 -4.45 47.45 -31.06
N ARG C 45 -5.46 48.28 -30.89
CA ARG C 45 -5.73 49.34 -31.85
C ARG C 45 -4.67 50.44 -31.71
N PRO C 46 -4.51 51.27 -32.73
CA PRO C 46 -3.45 52.29 -32.67
C PRO C 46 -3.54 53.22 -31.47
N GLU C 47 -4.75 53.56 -31.02
CA GLU C 47 -4.91 54.47 -29.90
C GLU C 47 -5.81 53.95 -28.79
N GLN C 48 -6.65 52.95 -29.04
CA GLN C 48 -7.54 52.44 -27.99
C GLN C 48 -6.83 51.62 -26.94
N GLY C 49 -5.56 51.27 -27.16
CA GLY C 49 -4.82 50.48 -26.21
C GLY C 49 -5.10 48.98 -26.35
N LEU C 50 -4.36 48.20 -25.56
CA LEU C 50 -4.48 46.76 -25.64
C LEU C 50 -5.82 46.28 -25.09
N GLU C 51 -6.35 45.22 -25.70
CA GLU C 51 -7.60 44.63 -25.26
C GLU C 51 -7.45 43.11 -25.26
N TRP C 52 -8.17 42.46 -24.35
CA TRP C 52 -8.12 41.02 -24.19
C TRP C 52 -9.25 40.39 -24.99
N ILE C 53 -8.92 39.40 -25.81
CA ILE C 53 -9.92 38.75 -26.66
C ILE C 53 -10.40 37.47 -26.00
N GLY C 54 -9.48 36.55 -25.73
CA GLY C 54 -9.87 35.30 -25.12
C GLY C 54 -8.69 34.36 -25.01
N ARG C 55 -9.01 33.11 -24.63
CA ARG C 55 -7.98 32.10 -24.46
C ARG C 55 -8.58 30.73 -24.67
N ILE C 56 -7.72 29.74 -24.89
CA ILE C 56 -8.11 28.35 -25.08
C ILE C 56 -7.13 27.46 -24.34
N ASP C 57 -7.64 26.39 -23.75
CA ASP C 57 -6.79 25.35 -23.16
C ASP C 57 -6.61 24.26 -24.20
N PRO C 58 -5.46 24.17 -24.86
CA PRO C 58 -5.30 23.14 -25.91
C PRO C 58 -5.44 21.72 -25.40
N ALA C 59 -5.03 21.45 -24.16
CA ALA C 59 -5.14 20.11 -23.61
C ALA C 59 -6.59 19.69 -23.33
N ASN C 60 -7.52 20.63 -23.30
CA ASN C 60 -8.91 20.31 -22.98
C ASN C 60 -9.85 20.88 -24.04
N GLY C 61 -9.47 21.97 -24.68
CA GLY C 61 -10.32 22.65 -25.62
C GLY C 61 -11.27 23.66 -25.02
N HIS C 62 -11.18 23.92 -23.72
CA HIS C 62 -12.04 24.91 -23.09
C HIS C 62 -11.60 26.31 -23.49
N THR C 63 -12.56 27.13 -23.93
CA THR C 63 -12.29 28.48 -24.37
C THR C 63 -13.15 29.47 -23.59
N ARG C 64 -12.60 30.66 -23.38
CA ARG C 64 -13.35 31.74 -22.74
C ARG C 64 -12.96 33.05 -23.41
N TYR C 65 -13.95 33.92 -23.62
CA TYR C 65 -13.75 35.17 -24.32
C TYR C 65 -14.28 36.34 -23.48
N ALA C 66 -13.82 37.53 -23.81
CA ALA C 66 -14.37 38.73 -23.24
C ALA C 66 -15.80 38.94 -23.73
N PRO C 67 -16.62 39.68 -22.99
CA PRO C 67 -17.99 39.94 -23.45
C PRO C 67 -18.05 40.63 -24.80
N LYS C 68 -17.07 41.48 -25.12
CA LYS C 68 -17.05 42.13 -26.43
C LYS C 68 -16.85 41.12 -27.54
N PHE C 69 -15.95 40.16 -27.34
CA PHE C 69 -15.56 39.20 -28.37
C PHE C 69 -16.20 37.83 -28.18
N GLN C 70 -17.27 37.75 -27.38
CA GLN C 70 -17.93 36.46 -27.17
C GLN C 70 -18.46 35.89 -28.48
N ASP C 71 -19.03 36.75 -29.34
CA ASP C 71 -19.56 36.31 -30.62
C ASP C 71 -18.69 36.67 -31.81
N LYS C 72 -17.85 37.69 -31.69
CA LYS C 72 -17.02 38.11 -32.82
C LYS C 72 -15.92 37.11 -33.11
N ALA C 73 -15.25 36.59 -32.08
CA ALA C 73 -14.04 35.82 -32.24
C ALA C 73 -14.21 34.41 -31.69
N THR C 74 -13.61 33.44 -32.38
CA THR C 74 -13.52 32.06 -31.94
C THR C 74 -12.08 31.62 -32.00
N ILE C 75 -11.62 30.92 -30.97
CA ILE C 75 -10.23 30.50 -30.83
C ILE C 75 -10.17 28.99 -30.81
N THR C 76 -9.32 28.41 -31.65
CA THR C 76 -9.12 26.97 -31.72
C THR C 76 -7.63 26.67 -31.78
N ALA C 77 -7.27 25.46 -31.36
CA ALA C 77 -5.89 25.04 -31.33
C ALA C 77 -5.78 23.59 -31.78
N ASP C 78 -4.58 23.23 -32.23
CA ASP C 78 -4.27 21.86 -32.67
C ASP C 78 -2.96 21.44 -32.03
N THR C 79 -3.04 20.44 -31.14
CA THR C 79 -1.84 20.00 -30.41
C THR C 79 -0.80 19.40 -31.36
N SER C 80 -1.25 18.61 -32.34
CA SER C 80 -0.32 17.89 -33.20
C SER C 80 0.59 18.83 -33.96
N SER C 81 0.02 19.90 -34.53
CA SER C 81 0.81 20.89 -35.26
C SER C 81 1.39 21.96 -34.35
N ASN C 82 1.05 21.95 -33.06
CA ASN C 82 1.54 22.94 -32.09
C ASN C 82 1.20 24.36 -32.53
N THR C 83 -0.05 24.55 -32.95
CA THR C 83 -0.52 25.85 -33.39
C THR C 83 -1.87 26.17 -32.76
N ALA C 84 -2.17 27.46 -32.69
CA ALA C 84 -3.46 27.96 -32.23
C ALA C 84 -3.99 28.98 -33.23
N TYR C 85 -5.30 28.97 -33.42
CA TYR C 85 -5.94 29.79 -34.44
C TYR C 85 -6.99 30.70 -33.81
N LEU C 86 -7.02 31.96 -34.26
CA LEU C 86 -8.06 32.91 -33.90
C LEU C 86 -8.79 33.31 -35.17
N GLN C 87 -10.12 33.17 -35.16
CA GLN C 87 -10.95 33.46 -36.31
C GLN C 87 -11.90 34.61 -35.99
N LEU C 88 -11.94 35.59 -36.88
CA LEU C 88 -12.85 36.73 -36.77
C LEU C 88 -13.90 36.62 -37.86
N SER C 89 -15.16 36.81 -37.49
CA SER C 89 -16.27 36.68 -38.43
C SER C 89 -16.93 38.04 -38.63
N SER C 90 -17.40 38.26 -39.86
CA SER C 90 -18.06 39.51 -40.27
C SER C 90 -17.15 40.71 -39.97
N LEU C 91 -16.02 40.74 -40.68
CA LEU C 91 -15.02 41.78 -40.45
C LEU C 91 -15.59 43.15 -40.76
N THR C 92 -15.30 44.11 -39.89
CA THR C 92 -15.73 45.49 -40.04
C THR C 92 -14.55 46.41 -39.80
N SER C 93 -14.71 47.67 -40.19
CA SER C 93 -13.60 48.63 -40.16
C SER C 93 -13.05 48.83 -38.76
N GLU C 94 -13.83 48.51 -37.72
CA GLU C 94 -13.34 48.63 -36.35
C GLU C 94 -12.31 47.56 -35.99
N ASP C 95 -12.10 46.57 -36.85
CA ASP C 95 -11.20 45.46 -36.56
C ASP C 95 -9.77 45.69 -37.05
N THR C 96 -9.47 46.86 -37.60
CA THR C 96 -8.12 47.16 -38.07
C THR C 96 -7.21 47.35 -36.86
N ALA C 97 -6.47 46.31 -36.49
CA ALA C 97 -5.61 46.37 -35.32
C ALA C 97 -4.56 45.28 -35.42
N VAL C 98 -3.55 45.38 -34.57
CA VAL C 98 -2.51 44.36 -34.47
C VAL C 98 -2.93 43.35 -33.42
N TYR C 99 -2.79 42.06 -33.73
CA TYR C 99 -3.22 40.99 -32.85
C TYR C 99 -2.01 40.21 -32.36
N TYR C 100 -1.93 40.01 -31.05
CA TYR C 100 -0.80 39.35 -30.41
C TYR C 100 -1.22 38.01 -29.84
N CYS C 101 -0.43 36.99 -30.10
CA CYS C 101 -0.64 35.65 -29.55
C CYS C 101 0.26 35.47 -28.33
N THR C 102 -0.31 34.97 -27.24
CA THR C 102 0.38 34.99 -25.96
C THR C 102 -0.04 33.79 -25.12
N ARG C 103 0.87 33.37 -24.24
CA ARG C 103 0.62 32.35 -23.23
C ARG C 103 0.95 32.93 -21.86
N TYR C 104 0.70 32.15 -20.81
CA TYR C 104 1.23 32.51 -19.50
C TYR C 104 1.70 31.25 -18.78
N ASN C 105 2.69 31.43 -17.91
CA ASN C 105 3.36 30.33 -17.22
C ASN C 105 2.84 30.13 -15.81
N ASP C 106 2.93 31.15 -14.97
CA ASP C 106 2.40 31.07 -13.61
C ASP C 106 0.89 31.10 -13.64
N TYR C 107 0.26 30.26 -12.81
CA TYR C 107 -1.18 30.11 -12.82
C TYR C 107 -1.86 30.74 -11.61
N ASP C 108 -1.17 31.67 -10.94
CA ASP C 108 -1.81 32.55 -9.97
C ASP C 108 -1.56 34.02 -10.26
N ALA C 109 -0.35 34.38 -10.68
CA ALA C 109 -0.09 35.76 -11.08
C ALA C 109 -0.70 36.09 -12.44
N PHE C 110 -0.79 35.09 -13.32
CA PHE C 110 -1.43 35.23 -14.63
C PHE C 110 -0.76 36.31 -15.47
N TYR C 111 0.56 36.28 -15.53
CA TYR C 111 1.30 37.25 -16.31
C TYR C 111 1.61 36.69 -17.69
N PHE C 112 1.43 37.53 -18.71
CA PHE C 112 1.70 37.16 -20.09
C PHE C 112 3.20 37.24 -20.34
N ASP C 113 3.88 36.11 -20.11
CA ASP C 113 5.34 36.13 -20.09
C ASP C 113 5.93 36.28 -21.50
N TYR C 114 5.42 35.53 -22.47
CA TYR C 114 5.99 35.50 -23.80
C TYR C 114 4.93 35.88 -24.83
N TRP C 115 5.29 36.81 -25.72
CA TRP C 115 4.38 37.34 -26.71
C TRP C 115 4.88 37.04 -28.12
N GLY C 116 3.96 37.01 -29.07
CA GLY C 116 4.31 36.91 -30.47
C GLY C 116 4.69 38.26 -31.05
N GLN C 117 5.08 38.23 -32.32
CA GLN C 117 5.48 39.46 -33.00
C GLN C 117 4.29 40.30 -33.45
N GLY C 118 3.08 39.74 -33.46
CA GLY C 118 1.90 40.49 -33.84
C GLY C 118 1.69 40.56 -35.34
N THR C 119 0.44 40.37 -35.78
CA THR C 119 0.08 40.42 -37.19
C THR C 119 -0.85 41.60 -37.41
N THR C 120 -0.46 42.49 -38.32
CA THR C 120 -1.30 43.61 -38.68
C THR C 120 -2.46 43.13 -39.54
N LEU C 121 -3.68 43.51 -39.18
CA LEU C 121 -4.87 43.13 -39.91
C LEU C 121 -5.59 44.40 -40.37
N THR C 122 -5.86 44.49 -41.67
CA THR C 122 -6.51 45.65 -42.25
C THR C 122 -7.72 45.20 -43.06
N VAL C 123 -8.83 45.90 -42.89
CA VAL C 123 -10.04 45.63 -43.66
C VAL C 123 -10.49 46.92 -44.33
N SER C 124 -10.77 46.84 -45.62
CA SER C 124 -11.21 47.99 -46.40
C SER C 124 -11.76 47.49 -47.73
N SER C 125 -12.52 48.37 -48.40
CA SER C 125 -13.03 48.03 -49.73
C SER C 125 -11.89 48.01 -50.75
N ALA C 126 -10.98 48.97 -50.67
CA ALA C 126 -9.83 49.07 -51.57
C ALA C 126 -10.26 49.13 -53.03
N ASP D 6 -14.40 44.55 -15.91
CA ASP D 6 -15.09 45.77 -15.53
C ASP D 6 -14.12 46.81 -14.97
N ILE D 7 -13.05 46.34 -14.33
CA ILE D 7 -12.06 47.25 -13.75
C ILE D 7 -11.35 47.99 -14.86
N GLN D 8 -11.23 49.30 -14.70
CA GLN D 8 -10.54 50.16 -15.66
C GLN D 8 -9.26 50.69 -15.04
N MET D 9 -8.15 50.53 -15.77
CA MET D 9 -6.86 51.08 -15.36
C MET D 9 -6.61 52.37 -16.13
N THR D 10 -6.18 53.40 -15.42
CA THR D 10 -6.01 54.72 -16.01
C THR D 10 -4.58 55.21 -15.80
N GLN D 11 -3.92 55.58 -16.89
CA GLN D 11 -2.61 56.23 -16.86
C GLN D 11 -2.82 57.67 -17.32
N THR D 12 -2.88 58.60 -16.35
CA THR D 12 -3.14 59.99 -16.67
C THR D 12 -2.04 60.58 -17.52
N THR D 13 -0.78 60.28 -17.20
CA THR D 13 0.36 60.81 -17.94
C THR D 13 0.56 59.98 -19.20
N SER D 14 -0.01 60.45 -20.31
CA SER D 14 0.15 59.75 -21.58
C SER D 14 1.59 59.83 -22.07
N SER D 15 2.26 60.96 -21.84
CA SER D 15 3.64 61.15 -22.21
C SER D 15 4.43 61.64 -21.00
N LEU D 16 5.64 61.11 -20.82
CA LEU D 16 6.50 61.46 -19.69
C LEU D 16 7.91 61.70 -20.23
N SER D 17 8.21 62.96 -20.54
CA SER D 17 9.54 63.31 -21.03
C SER D 17 10.55 63.25 -19.90
N ALA D 18 11.68 62.58 -20.16
CA ALA D 18 12.73 62.46 -19.16
C ALA D 18 14.08 62.33 -19.86
N SER D 19 15.13 62.71 -19.14
CA SER D 19 16.47 62.67 -19.69
C SER D 19 17.13 61.32 -19.43
N LEU D 20 18.23 61.08 -20.14
CA LEU D 20 18.99 59.85 -19.95
C LEU D 20 19.69 59.88 -18.60
N GLY D 21 19.74 58.73 -17.93
CA GLY D 21 20.37 58.63 -16.63
C GLY D 21 19.52 59.10 -15.47
N ASP D 22 18.29 59.53 -15.72
CA ASP D 22 17.41 60.03 -14.68
C ASP D 22 16.47 58.92 -14.20
N ARG D 23 15.89 59.14 -13.03
CA ARG D 23 14.93 58.21 -12.46
C ARG D 23 13.53 58.62 -12.91
N VAL D 24 12.80 57.65 -13.46
CA VAL D 24 11.48 57.89 -14.03
C VAL D 24 10.46 57.03 -13.29
N THR D 25 9.33 57.64 -12.95
CA THR D 25 8.24 56.94 -12.26
C THR D 25 6.99 56.96 -13.13
N ILE D 26 6.29 55.83 -13.17
CA ILE D 26 5.06 55.68 -13.94
C ILE D 26 4.00 55.08 -13.02
N SER D 27 2.83 55.73 -12.97
CA SER D 27 1.77 55.33 -12.06
C SER D 27 0.47 55.15 -12.82
N CYS D 28 -0.28 54.09 -12.47
CA CYS D 28 -1.62 53.88 -12.98
C CYS D 28 -2.54 53.53 -11.83
N ARG D 29 -3.79 53.95 -11.94
CA ARG D 29 -4.78 53.82 -10.88
C ARG D 29 -5.89 52.86 -11.33
N ALA D 30 -6.16 51.87 -10.49
CA ALA D 30 -7.26 50.94 -10.74
C ALA D 30 -8.57 51.53 -10.23
N SER D 31 -9.66 51.16 -10.90
CA SER D 31 -10.97 51.65 -10.48
C SER D 31 -11.35 51.12 -9.10
N GLN D 32 -10.82 49.96 -8.72
CA GLN D 32 -11.10 49.39 -7.41
C GLN D 32 -9.87 48.61 -6.96
N ASP D 33 -9.91 48.12 -5.73
CA ASP D 33 -8.81 47.33 -5.19
C ASP D 33 -8.62 46.07 -6.01
N ILE D 34 -7.38 45.78 -6.37
CA ILE D 34 -7.04 44.60 -7.16
C ILE D 34 -6.11 43.65 -6.44
N ARG D 35 -5.77 43.93 -5.18
CA ARG D 35 -5.03 42.99 -4.33
C ARG D 35 -3.65 42.69 -4.88
N ASN D 36 -2.91 43.73 -5.24
CA ASN D 36 -1.50 43.63 -5.64
C ASN D 36 -1.31 42.76 -6.87
N TYR D 37 -2.34 42.65 -7.71
CA TYR D 37 -2.29 41.89 -8.95
C TYR D 37 -2.18 42.87 -10.10
N LEU D 38 -0.95 43.30 -10.41
CA LEU D 38 -0.73 44.28 -11.46
C LEU D 38 0.60 44.02 -12.12
N ASN D 39 0.59 43.75 -13.43
CA ASN D 39 1.79 43.44 -14.18
C ASN D 39 2.10 44.55 -15.17
N TRP D 40 3.40 44.77 -15.39
CA TRP D 40 3.88 45.83 -16.26
C TRP D 40 4.48 45.23 -17.53
N TYR D 41 4.12 45.77 -18.68
CA TYR D 41 4.64 45.34 -19.96
C TYR D 41 5.27 46.52 -20.69
N GLN D 42 6.38 46.27 -21.38
CA GLN D 42 7.07 47.27 -22.16
C GLN D 42 6.97 46.91 -23.63
N GLN D 43 6.43 47.83 -24.43
CA GLN D 43 6.27 47.63 -25.86
C GLN D 43 7.23 48.56 -26.60
N LYS D 44 8.22 47.97 -27.27
CA LYS D 44 9.16 48.75 -28.04
C LYS D 44 8.47 49.37 -29.26
N PRO D 45 9.04 50.43 -29.84
CA PRO D 45 8.49 50.97 -31.09
C PRO D 45 8.51 49.97 -32.22
N ASP D 46 9.38 48.95 -32.16
CA ASP D 46 9.38 47.89 -33.16
C ASP D 46 8.10 47.07 -33.13
N GLY D 47 7.31 47.15 -32.05
CA GLY D 47 6.09 46.41 -31.91
C GLY D 47 6.17 45.22 -30.98
N THR D 48 7.37 44.78 -30.63
CA THR D 48 7.53 43.67 -29.70
C THR D 48 7.09 44.09 -28.29
N VAL D 49 6.53 43.14 -27.56
CA VAL D 49 6.02 43.37 -26.22
C VAL D 49 6.75 42.44 -25.26
N LYS D 50 7.23 42.98 -24.14
CA LYS D 50 7.98 42.22 -23.15
C LYS D 50 7.40 42.48 -21.77
N LEU D 51 7.50 41.48 -20.90
CA LEU D 51 7.02 41.57 -19.54
C LEU D 51 8.13 42.02 -18.61
N LEU D 52 7.86 43.05 -17.81
CA LEU D 52 8.85 43.59 -16.88
C LEU D 52 8.61 43.12 -15.45
N ILE D 53 7.43 43.39 -14.90
CA ILE D 53 7.12 43.14 -13.50
C ILE D 53 5.79 42.41 -13.42
N TYR D 54 5.72 41.41 -12.55
CA TYR D 54 4.48 40.70 -12.30
C TYR D 54 4.14 40.75 -10.82
N TYR D 55 3.01 40.12 -10.47
CA TYR D 55 2.37 40.28 -9.17
C TYR D 55 2.21 41.78 -8.89
N THR D 56 3.10 42.36 -8.09
CA THR D 56 3.18 43.82 -8.02
C THR D 56 4.58 44.37 -8.03
N SER D 57 5.60 43.62 -7.62
CA SER D 57 6.97 44.10 -7.64
C SER D 57 7.98 43.04 -8.04
N ARG D 58 7.55 41.84 -8.42
CA ARG D 58 8.46 40.76 -8.75
C ARG D 58 9.08 40.99 -10.12
N LEU D 59 10.40 40.86 -10.19
CA LEU D 59 11.12 41.02 -11.45
C LEU D 59 11.09 39.71 -12.24
N HIS D 60 10.75 39.81 -13.52
CA HIS D 60 10.76 38.63 -14.38
C HIS D 60 12.19 38.24 -14.72
N SER D 61 12.36 37.00 -15.15
CA SER D 61 13.68 36.49 -15.48
C SER D 61 14.27 37.28 -16.65
N GLY D 62 15.53 37.70 -16.50
CA GLY D 62 16.24 38.44 -17.51
C GLY D 62 16.00 39.93 -17.50
N VAL D 63 15.00 40.41 -16.78
CA VAL D 63 14.76 41.85 -16.70
C VAL D 63 15.82 42.49 -15.81
N PRO D 64 16.47 43.56 -16.25
CA PRO D 64 17.50 44.19 -15.41
C PRO D 64 16.91 44.74 -14.13
N SER D 65 17.73 44.76 -13.07
CA SER D 65 17.32 45.29 -11.79
C SER D 65 17.05 46.80 -11.83
N ARG D 66 17.27 47.44 -12.98
CA ARG D 66 16.95 48.85 -13.14
C ARG D 66 15.47 49.11 -12.93
N PHE D 67 14.60 48.18 -13.33
CA PHE D 67 13.17 48.33 -13.18
C PHE D 67 12.72 47.85 -11.80
N SER D 68 11.78 48.58 -11.21
CA SER D 68 11.21 48.21 -9.93
C SER D 68 9.78 48.73 -9.87
N GLY D 69 8.99 48.09 -9.00
CA GLY D 69 7.60 48.46 -8.86
C GLY D 69 7.19 48.49 -7.40
N SER D 70 6.10 49.20 -7.14
CA SER D 70 5.57 49.34 -5.79
C SER D 70 4.12 49.78 -5.88
N GLY D 71 3.43 49.71 -4.75
CA GLY D 71 2.05 50.13 -4.64
C GLY D 71 1.18 49.07 -4.00
N SER D 72 -0.04 49.49 -3.68
CA SER D 72 -1.03 48.61 -3.07
C SER D 72 -2.40 49.23 -3.25
N GLY D 73 -3.43 48.42 -3.01
CA GLY D 73 -4.80 48.88 -3.15
C GLY D 73 -5.15 49.23 -4.58
N THR D 74 -5.30 50.53 -4.86
CA THR D 74 -5.62 50.99 -6.21
C THR D 74 -4.50 51.79 -6.84
N ASP D 75 -3.48 52.19 -6.08
CA ASP D 75 -2.38 53.00 -6.59
C ASP D 75 -1.14 52.14 -6.70
N TYR D 76 -0.56 52.08 -7.89
CA TYR D 76 0.65 51.33 -8.15
C TYR D 76 1.60 52.19 -8.99
N SER D 77 2.89 51.89 -8.90
CA SER D 77 3.90 52.67 -9.59
C SER D 77 4.99 51.77 -10.14
N LEU D 78 5.64 52.24 -11.19
CA LEU D 78 6.79 51.58 -11.79
C LEU D 78 7.93 52.58 -11.89
N THR D 79 9.12 52.17 -11.46
CA THR D 79 10.26 53.07 -11.39
C THR D 79 11.42 52.52 -12.21
N ILE D 80 12.14 53.42 -12.86
CA ILE D 80 13.34 53.10 -13.63
C ILE D 80 14.50 53.87 -13.03
N SER D 81 15.56 53.14 -12.66
CA SER D 81 16.65 53.76 -11.90
C SER D 81 17.36 54.84 -12.72
N ASN D 82 17.79 54.51 -13.92
CA ASN D 82 18.44 55.47 -14.82
C ASN D 82 17.99 55.21 -16.25
N LEU D 83 17.26 56.17 -16.81
CA LEU D 83 16.66 56.02 -18.14
C LEU D 83 17.72 55.77 -19.20
N GLU D 84 17.71 54.60 -19.81
CA GLU D 84 18.63 54.25 -20.88
C GLU D 84 17.97 54.47 -22.23
N GLN D 85 18.79 54.42 -23.28
CA GLN D 85 18.27 54.57 -24.64
C GLN D 85 17.32 53.43 -24.99
N GLU D 86 17.67 52.20 -24.59
CA GLU D 86 16.82 51.04 -24.85
C GLU D 86 15.54 51.07 -24.03
N ASP D 87 15.44 51.93 -23.02
CA ASP D 87 14.25 52.03 -22.20
C ASP D 87 13.24 53.04 -22.75
N ILE D 88 13.52 53.63 -23.90
CA ILE D 88 12.59 54.58 -24.52
C ILE D 88 11.53 53.79 -25.27
N ALA D 89 10.42 53.52 -24.60
CA ALA D 89 9.33 52.75 -25.18
C ALA D 89 8.03 53.17 -24.49
N THR D 90 6.98 52.39 -24.72
CA THR D 90 5.69 52.62 -24.08
C THR D 90 5.40 51.49 -23.10
N TYR D 91 4.80 51.84 -21.97
CA TYR D 91 4.59 50.92 -20.86
C TYR D 91 3.11 50.80 -20.52
N PHE D 92 2.65 49.58 -20.32
CA PHE D 92 1.28 49.28 -19.97
C PHE D 92 1.23 48.53 -18.64
N CYS D 93 0.20 48.80 -17.86
CA CYS D 93 -0.05 48.08 -16.62
C CYS D 93 -1.34 47.28 -16.76
N GLN D 94 -1.29 46.02 -16.37
CA GLN D 94 -2.41 45.10 -16.54
C GLN D 94 -2.81 44.53 -15.19
N GLN D 95 -4.11 44.52 -14.91
CA GLN D 95 -4.64 43.93 -13.69
C GLN D 95 -5.05 42.48 -13.97
N THR D 96 -4.79 41.61 -12.99
CA THR D 96 -5.16 40.20 -13.09
C THR D 96 -5.95 39.78 -11.86
N ASN D 97 -6.84 40.64 -11.39
CA ASN D 97 -7.68 40.36 -10.23
C ASN D 97 -9.06 39.86 -10.61
N THR D 98 -9.69 40.48 -11.60
CA THR D 98 -10.98 40.05 -12.12
C THR D 98 -10.79 39.51 -13.53
N LEU D 99 -11.48 38.42 -13.84
CA LEU D 99 -11.15 37.60 -15.00
C LEU D 99 -11.03 38.34 -16.32
N PRO D 100 -11.90 39.29 -16.68
CA PRO D 100 -11.67 40.04 -17.92
C PRO D 100 -10.49 40.98 -17.78
N TRP D 101 -9.27 40.46 -17.97
CA TRP D 101 -8.06 41.25 -17.78
C TRP D 101 -8.12 42.55 -18.59
N THR D 102 -7.79 43.64 -17.94
CA THR D 102 -7.85 44.97 -18.55
C THR D 102 -6.47 45.61 -18.49
N PHE D 103 -6.04 46.20 -19.60
CA PHE D 103 -4.77 46.87 -19.69
C PHE D 103 -4.96 48.37 -19.48
N GLY D 104 -3.85 49.03 -19.13
CA GLY D 104 -3.88 50.47 -18.96
C GLY D 104 -3.88 51.21 -20.27
N GLY D 105 -4.02 52.54 -20.18
CA GLY D 105 -4.00 53.37 -21.36
C GLY D 105 -2.64 53.48 -22.01
N GLY D 106 -1.58 53.17 -21.29
CA GLY D 106 -0.24 53.22 -21.84
C GLY D 106 0.38 54.60 -21.77
N THR D 107 1.67 54.65 -21.45
CA THR D 107 2.42 55.90 -21.39
C THR D 107 3.67 55.76 -22.23
N LYS D 108 4.07 56.85 -22.89
CA LYS D 108 5.21 56.86 -23.79
C LYS D 108 6.28 57.79 -23.24
N LEU D 109 7.53 57.33 -23.27
CA LEU D 109 8.66 58.11 -22.79
C LEU D 109 9.38 58.79 -23.95
N GLU D 110 10.08 59.87 -23.63
CA GLU D 110 10.83 60.63 -24.63
C GLU D 110 11.90 61.44 -23.91
N ILE D 111 12.86 61.93 -24.69
CA ILE D 111 13.98 62.67 -24.15
C ILE D 111 13.68 64.17 -24.24
N LYS D 112 14.26 64.94 -23.31
CA LYS D 112 14.01 66.36 -23.25
C LYS D 112 14.65 67.09 -24.43
N ARG D 113 14.01 68.18 -24.85
CA ARG D 113 14.48 68.99 -25.96
C ARG D 113 14.51 70.47 -25.54
N THR D 114 15.45 71.20 -26.12
CA THR D 114 15.63 72.63 -25.85
C THR D 114 15.73 72.93 -24.36
C1 NAG E . -16.59 0.93 7.97
C2 NAG E . -18.10 0.85 8.08
C3 NAG E . -18.57 -0.58 7.84
C4 NAG E . -18.01 -1.12 6.53
C5 NAG E . -16.49 -0.94 6.49
C6 NAG E . -15.89 -1.32 5.16
C7 NAG E . -18.78 2.61 9.66
C8 NAG E . -19.26 2.92 11.04
N2 NAG E . -18.57 1.33 9.37
O3 NAG E . -20.00 -0.62 7.82
O4 NAG E . -18.30 -2.51 6.41
O5 NAG E . -16.16 0.44 6.71
O6 NAG E . -14.46 -1.27 5.20
O7 NAG E . -18.59 3.50 8.82
C1 NAG E . -19.36 -2.69 5.44
C2 NAG E . -19.23 -4.08 4.84
C3 NAG E . -20.37 -4.35 3.86
C4 NAG E . -21.71 -4.09 4.52
C5 NAG E . -21.74 -2.69 5.13
C6 NAG E . -23.00 -2.40 5.91
C7 NAG E . -16.85 -4.71 4.83
C8 NAG E . -15.62 -4.83 4.00
N2 NAG E . -17.95 -4.26 4.19
O3 NAG E . -20.30 -5.69 3.39
O4 NAG E . -22.76 -4.19 3.56
O5 NAG E . -20.64 -2.54 6.05
O6 NAG E . -22.90 -1.19 6.64
O7 NAG E . -16.89 -5.00 6.02
C1 CLR F . -3.83 -25.84 3.77
C2 CLR F . -3.81 -24.33 3.96
C3 CLR F . -4.62 -23.64 2.87
C4 CLR F . -6.05 -24.18 2.87
C5 CLR F . -6.09 -25.68 2.78
C6 CLR F . -6.71 -26.27 1.76
C7 CLR F . -6.89 -27.74 1.62
C8 CLR F . -6.51 -28.49 2.89
C9 CLR F . -5.18 -27.95 3.43
C10 CLR F . -5.25 -26.44 3.80
C11 CLR F . -4.64 -28.82 4.57
C12 CLR F . -4.64 -30.32 4.28
C13 CLR F . -6.02 -30.82 3.85
C14 CLR F . -6.40 -29.97 2.62
C15 CLR F . -7.59 -30.70 2.01
C16 CLR F . -7.19 -32.17 2.17
C17 CLR F . -6.09 -32.25 3.26
C18 CLR F . -7.03 -30.68 4.99
C19 CLR F . -5.87 -26.22 5.19
C20 CLR F . -6.31 -33.45 4.20
C21 CLR F . -5.07 -33.83 4.99
C22 CLR F . -6.83 -34.66 3.42
C23 CLR F . -7.13 -35.90 4.24
C24 CLR F . -7.70 -37.02 3.39
C25 CLR F . -7.89 -38.36 4.12
C26 CLR F . -6.54 -38.96 4.48
C27 CLR F . -8.73 -39.36 3.33
O1 CLR F . -4.57 -22.25 3.09
C1 CLR G . -13.19 -23.08 17.96
C2 CLR G . -13.10 -22.20 16.73
C3 CLR G . -14.33 -21.34 16.56
C4 CLR G . -15.61 -22.18 16.64
C5 CLR G . -15.34 -23.64 16.85
C6 CLR G . -15.90 -24.56 16.06
C7 CLR G . -15.72 -26.03 16.21
C8 CLR G . -15.09 -26.43 17.53
C9 CLR G . -13.94 -25.47 17.86
C10 CLR G . -14.43 -24.00 18.01
C11 CLR G . -13.11 -25.95 19.07
C12 CLR G . -12.73 -27.44 19.03
C13 CLR G . -13.95 -28.32 18.80
C14 CLR G . -14.57 -27.85 17.48
C15 CLR G . -15.51 -28.96 17.08
C16 CLR G . -14.71 -30.21 17.43
C17 CLR G . -13.67 -29.82 18.52
C18 CLR G . -14.93 -28.20 19.98
C19 CLR G . -15.19 -23.78 19.33
C20 CLR G . -13.62 -30.80 19.71
C21 CLR G . -12.24 -31.38 19.96
C22 CLR G . -14.69 -31.89 19.56
C23 CLR G . -14.18 -33.30 19.29
C24 CLR G . -15.15 -34.38 19.78
C25 CLR G . -15.01 -34.78 21.25
C26 CLR G . -13.59 -34.55 21.75
C27 CLR G . -16.02 -34.08 22.16
O1 CLR G . -14.31 -20.33 17.55
C1 CLR H . -18.79 -24.42 18.37
C2 CLR H . -19.05 -23.15 17.56
C3 CLR H . -20.30 -23.30 16.72
C4 CLR H . -21.49 -23.67 17.61
C5 CLR H . -21.21 -24.88 18.45
C6 CLR H . -22.05 -25.91 18.43
C7 CLR H . -21.88 -27.16 19.23
C8 CLR H . -20.86 -27.01 20.35
C9 CLR H . -19.62 -26.26 19.86
C10 CLR H . -19.95 -24.85 19.30
C11 CLR H . -18.55 -26.23 20.95
C12 CLR H . -18.21 -27.61 21.54
C13 CLR H . -19.45 -28.35 22.04
C14 CLR H . -20.42 -28.38 20.85
C15 CLR H . -21.49 -29.39 21.24
C16 CLR H . -20.68 -30.47 21.98
C17 CLR H . -19.29 -29.86 22.34
C18 CLR H . -20.05 -27.63 23.26
C19 CLR H . -20.12 -23.81 20.42
C20 CLR H . -18.83 -30.32 23.73
C21 CLR H . -17.35 -30.02 23.99
C22 CLR H . -19.10 -31.83 23.90
C23 CLR H . -19.94 -32.20 25.11
C24 CLR H . -19.55 -33.56 25.67
C25 CLR H . -19.49 -34.71 24.65
C26 CLR H . -18.26 -35.57 24.90
C27 CLR H . -20.75 -35.57 24.69
O1 CLR H . -20.51 -22.11 16.01
#